data_8HEG
#
_entry.id   8HEG
#
_cell.length_a   1.00
_cell.length_b   1.00
_cell.length_c   1.00
_cell.angle_alpha   90.00
_cell.angle_beta   90.00
_cell.angle_gamma   90.00
#
_symmetry.space_group_name_H-M   'P 1'
#
loop_
_entity.id
_entity.type
_entity.pdbx_description
1 polymer 'VP1 of capsid protein'
2 polymer 'VP2 of capsid protein'
3 polymer 'VP3 of capsid protein'
4 polymer M3F
#
loop_
_entity_poly.entity_id
_entity_poly.type
_entity_poly.pdbx_seq_one_letter_code
_entity_poly.pdbx_strand_id
1 'polypeptide(L)'
;TTSAGESADPVTTTVENYGGETQVQRRHHTDVGFIMDRFVKINNTNPTHVIDLMQTHQHGLVGALLRAATYYFSDLEIVV
RHEGNLTWVPNGAPEAALSNAGNPTAYNKAPFTRLALPYTAPHRVLATVYNGTSKYSTTGERTRGDLGALAARVATQLPA
SFNFGAIRATDISELLVRMKRAELYCPRPLLAVEVTAQDRHKQKIIAPAKQ
;
A
2 'polypeptide(L)'
;DKKTEETTLLEDRTLTTRNGHTTSTTQSSVGVTYGYSTGEDHVSGPNTSGLETRVTQAERFFKKHLFNWTTDKPFGHLEK
LKLPTDHKGVYGHLVDSFAYMRNGWDVEVSAVGNQFNGGCLLVAMVPEWKKFTPREKYQLTLFPHQFISPRTNMTAHITV
PYLGVNRYDQYKKHKPWTLVVMVVSPLTTSSIGATEIKVYANIAPTHVHVAGELPSKE
;
B
3 'polypeptide(L)'
;GIVPVACSDGYGGLVTTDPKTADPVYGKVYNPPRTNYPGRFTNLLDVAEACPTFLCFDDGKPYVVTREDEQRLLAKFDVS
LAAKHMSNTYLSGIAQYYAQYSGTINLHFMFTGSTDSKARYMVAYVPPGVETPPDTPERAAHCIHAEWDTGLNSKFTFSI
PYVSAADYAYTASDVAETTNVQGWVCIYQITHGKAQNDTLVVSVSAGKDFELRLPIDPRTQ
;
C
4 'polypeptide(L)'
;QVQLQQSGGGLVQAGGSLRLSCAASGRAFGYYYMGWFRQAPGKEREFVAAISWYDGSTSYADSVKGRFTISRDNAKNTVD
LQMNSLKSEDTAVYYCAGDRSLTVVASSWRYWGQGTQVTVSS
;
D
#
# COMPACT_ATOMS: atom_id res chain seq x y z
N GLN A 25 23.49 37.26 -9.63
CA GLN A 25 24.06 36.42 -8.58
C GLN A 25 24.11 34.96 -9.02
N ARG A 26 25.08 34.22 -8.49
CA ARG A 26 25.24 32.81 -8.77
C ARG A 26 24.96 32.02 -7.49
N ARG A 27 24.00 31.11 -7.55
CA ARG A 27 23.62 30.27 -6.43
C ARG A 27 23.77 28.79 -6.77
N HIS A 28 24.91 28.41 -7.35
CA HIS A 28 25.12 27.03 -7.77
C HIS A 28 25.78 26.20 -6.68
N HIS A 29 26.55 26.82 -5.80
CA HIS A 29 27.28 26.05 -4.79
C HIS A 29 26.41 25.62 -3.62
N THR A 30 25.20 26.16 -3.50
CA THR A 30 24.26 25.76 -2.46
C THR A 30 23.19 24.82 -2.99
N ASP A 31 23.36 24.28 -4.19
CA ASP A 31 22.36 23.39 -4.77
C ASP A 31 22.28 22.09 -3.98
N VAL A 32 21.06 21.59 -3.80
CA VAL A 32 20.86 20.35 -3.06
C VAL A 32 21.37 19.15 -3.86
N GLY A 33 21.17 19.14 -5.17
CA GLY A 33 21.67 18.05 -5.97
C GLY A 33 23.17 18.06 -6.19
N PHE A 34 23.82 19.20 -5.98
CA PHE A 34 25.26 19.35 -6.18
C PHE A 34 26.06 19.14 -4.90
N ILE A 35 25.50 19.52 -3.75
CA ILE A 35 26.26 19.40 -2.50
C ILE A 35 26.26 17.96 -2.01
N MET A 36 25.32 17.13 -2.46
CA MET A 36 25.21 15.75 -2.03
C MET A 36 26.01 14.77 -2.89
N ASP A 37 26.62 15.23 -3.98
CA ASP A 37 27.27 14.33 -4.94
C ASP A 37 28.77 14.27 -4.66
N ARG A 38 29.11 13.64 -3.54
CA ARG A 38 30.50 13.45 -3.18
C ARG A 38 30.63 12.27 -2.22
N PHE A 39 31.80 11.63 -2.26
CA PHE A 39 32.06 10.46 -1.42
C PHE A 39 32.15 10.85 0.04
N VAL A 40 31.60 10.01 0.91
CA VAL A 40 31.66 10.20 2.35
C VAL A 40 31.92 8.85 3.00
N LYS A 41 32.85 8.81 3.94
CA LYS A 41 33.20 7.56 4.62
C LYS A 41 32.14 7.14 5.61
N ILE A 42 31.89 5.84 5.68
CA ILE A 42 31.01 5.24 6.69
C ILE A 42 31.92 4.55 7.69
N ASN A 43 31.85 4.99 8.96
CA ASN A 43 32.83 4.56 9.95
C ASN A 43 32.66 3.09 10.33
N ASN A 44 31.41 2.65 10.50
CA ASN A 44 31.15 1.29 11.00
C ASN A 44 31.13 0.32 9.82
N THR A 45 32.11 -0.58 9.79
CA THR A 45 32.17 -1.64 8.79
C THR A 45 32.34 -2.98 9.48
N ASN A 46 31.62 -3.98 8.99
CA ASN A 46 31.61 -5.34 9.51
C ASN A 46 31.74 -6.31 8.35
N PRO A 47 32.08 -7.57 8.61
CA PRO A 47 32.08 -8.56 7.52
C PRO A 47 30.75 -8.65 6.79
N THR A 48 29.64 -8.53 7.49
CA THR A 48 28.31 -8.37 6.89
C THR A 48 27.81 -6.98 7.27
N HIS A 49 27.39 -6.21 6.28
CA HIS A 49 27.01 -4.81 6.47
C HIS A 49 25.68 -4.54 5.79
N VAL A 50 24.80 -3.81 6.48
CA VAL A 50 23.54 -3.36 5.91
C VAL A 50 23.69 -1.89 5.56
N ILE A 51 23.64 -1.57 4.28
CA ILE A 51 23.93 -0.21 3.82
C ILE A 51 22.76 0.69 4.17
N ASP A 52 22.96 1.58 5.14
CA ASP A 52 21.96 2.58 5.53
C ASP A 52 22.62 3.94 5.54
N LEU A 53 21.95 4.93 4.94
CA LEU A 53 22.53 6.27 4.86
C LEU A 53 22.59 6.98 6.20
N MET A 54 21.93 6.43 7.23
CA MET A 54 21.95 7.06 8.55
C MET A 54 23.16 6.66 9.37
N GLN A 55 24.12 5.94 8.79
CA GLN A 55 25.36 5.62 9.45
C GLN A 55 26.42 6.71 9.28
N THR A 56 26.14 7.73 8.48
CA THR A 56 27.09 8.81 8.26
C THR A 56 27.30 9.60 9.55
N HIS A 57 28.48 10.21 9.66
CA HIS A 57 28.76 11.08 10.80
C HIS A 57 27.82 12.28 10.77
N GLN A 58 27.25 12.60 11.93
CA GLN A 58 26.19 13.59 11.99
C GLN A 58 26.67 15.01 11.83
N HIS A 59 27.97 15.28 12.03
CA HIS A 59 28.50 16.62 12.01
C HIS A 59 29.27 16.96 10.74
N GLY A 60 29.38 16.03 9.80
CA GLY A 60 30.01 16.32 8.53
C GLY A 60 29.10 17.12 7.63
N LEU A 61 29.63 17.49 6.46
CA LEU A 61 28.83 18.23 5.49
C LEU A 61 27.61 17.44 5.07
N VAL A 62 27.83 16.22 4.57
CA VAL A 62 26.73 15.42 4.03
C VAL A 62 25.80 14.94 5.14
N GLY A 63 26.38 14.46 6.25
CA GLY A 63 25.55 13.99 7.34
C GLY A 63 24.65 15.07 7.90
N ALA A 64 25.23 16.24 8.20
CA ALA A 64 24.44 17.31 8.81
C ALA A 64 23.44 17.89 7.82
N LEU A 65 23.83 18.06 6.55
CA LEU A 65 22.86 18.54 5.56
C LEU A 65 21.80 17.49 5.24
N LEU A 66 22.03 16.23 5.62
CA LEU A 66 21.01 15.20 5.42
C LEU A 66 20.05 15.13 6.59
N ARG A 67 20.54 15.26 7.82
CA ARG A 67 19.63 15.26 8.97
C ARG A 67 18.70 16.47 8.96
N ALA A 68 18.98 17.49 8.14
CA ALA A 68 18.14 18.66 8.00
C ALA A 68 17.05 18.48 6.96
N ALA A 69 16.66 17.24 6.69
CA ALA A 69 15.54 16.93 5.82
C ALA A 69 14.72 15.81 6.46
N THR A 70 13.43 15.74 6.11
CA THR A 70 12.58 14.72 6.68
C THR A 70 12.56 13.46 5.82
N TYR A 71 12.37 13.61 4.51
CA TYR A 71 12.37 12.50 3.57
C TYR A 71 13.43 12.72 2.51
N TYR A 72 13.82 11.64 1.84
CA TYR A 72 14.83 11.73 0.79
C TYR A 72 14.71 10.53 -0.15
N PHE A 73 15.26 10.71 -1.35
CA PHE A 73 15.33 9.66 -2.36
C PHE A 73 16.66 9.79 -3.08
N SER A 74 17.33 8.66 -3.29
CA SER A 74 18.64 8.71 -3.91
C SER A 74 19.02 7.34 -4.45
N ASP A 75 19.91 7.35 -5.44
CA ASP A 75 20.62 6.14 -5.85
C ASP A 75 21.89 6.05 -5.02
N LEU A 76 22.83 5.17 -5.42
CA LEU A 76 24.06 5.06 -4.65
C LEU A 76 25.19 4.53 -5.53
N GLU A 77 26.41 4.90 -5.17
CA GLU A 77 27.62 4.27 -5.68
C GLU A 77 28.56 4.07 -4.50
N ILE A 78 29.22 2.92 -4.45
CA ILE A 78 30.04 2.55 -3.30
C ILE A 78 31.41 2.13 -3.76
N VAL A 79 32.42 2.40 -2.93
CA VAL A 79 33.79 1.96 -3.12
C VAL A 79 34.14 1.09 -1.93
N VAL A 80 34.49 -0.17 -2.16
CA VAL A 80 34.73 -1.13 -1.10
C VAL A 80 36.14 -1.69 -1.27
N ARG A 81 36.84 -1.88 -0.15
CA ARG A 81 38.17 -2.47 -0.12
C ARG A 81 38.08 -3.78 0.66
N HIS A 82 38.04 -4.90 -0.06
CA HIS A 82 37.71 -6.18 0.53
C HIS A 82 38.75 -7.22 0.16
N GLU A 83 38.66 -8.37 0.81
CA GLU A 83 39.36 -9.58 0.42
C GLU A 83 38.34 -10.60 -0.06
N GLY A 84 38.67 -11.33 -1.11
CA GLY A 84 37.74 -12.27 -1.68
C GLY A 84 36.65 -11.56 -2.45
N ASN A 85 35.62 -12.33 -2.80
CA ASN A 85 34.53 -11.82 -3.62
C ASN A 85 33.52 -11.08 -2.74
N LEU A 86 32.74 -10.21 -3.38
CA LEU A 86 31.73 -9.40 -2.70
C LEU A 86 30.37 -9.73 -3.27
N THR A 87 29.40 -9.98 -2.41
CA THR A 87 28.04 -10.32 -2.79
C THR A 87 27.08 -9.22 -2.33
N TRP A 88 26.09 -8.91 -3.16
CA TRP A 88 25.07 -7.93 -2.84
C TRP A 88 23.70 -8.55 -2.99
N VAL A 89 22.90 -8.48 -1.93
CA VAL A 89 21.51 -8.95 -1.96
C VAL A 89 20.59 -7.74 -1.80
N PRO A 90 19.55 -7.61 -2.61
CA PRO A 90 18.70 -6.41 -2.55
C PRO A 90 17.88 -6.37 -1.28
N ASN A 91 17.05 -5.33 -1.18
CA ASN A 91 16.24 -5.13 0.01
C ASN A 91 15.10 -6.13 0.08
N GLY A 92 14.95 -6.76 1.24
CA GLY A 92 13.92 -7.76 1.45
C GLY A 92 14.39 -9.19 1.27
N ALA A 93 15.58 -9.41 0.72
CA ALA A 93 16.09 -10.75 0.56
C ALA A 93 16.50 -11.34 1.90
N PRO A 94 16.32 -12.65 2.09
CA PRO A 94 16.72 -13.28 3.36
C PRO A 94 18.22 -13.18 3.58
N GLU A 95 18.61 -13.29 4.86
CA GLU A 95 20.02 -13.19 5.20
C GLU A 95 20.81 -14.40 4.70
N ALA A 96 20.17 -15.56 4.61
CA ALA A 96 20.83 -16.76 4.13
C ALA A 96 21.20 -16.70 2.65
N ALA A 97 20.66 -15.74 1.91
CA ALA A 97 20.97 -15.59 0.50
C ALA A 97 22.34 -14.97 0.26
N LEU A 98 23.03 -14.53 1.31
CA LEU A 98 24.34 -13.91 1.16
C LEU A 98 25.45 -14.95 0.96
N SER A 99 25.15 -16.23 1.07
CA SER A 99 26.13 -17.29 0.90
C SER A 99 26.05 -17.97 -0.46
N ASN A 100 25.26 -17.43 -1.38
CA ASN A 100 25.14 -17.97 -2.73
C ASN A 100 25.65 -16.96 -3.74
N ALA A 101 26.38 -17.45 -4.74
CA ALA A 101 26.96 -16.59 -5.76
C ALA A 101 25.99 -16.27 -6.88
N GLY A 102 24.77 -16.81 -6.85
CA GLY A 102 23.79 -16.41 -7.84
C GLY A 102 23.45 -14.95 -7.78
N ASN A 103 23.41 -14.39 -6.58
CA ASN A 103 23.28 -12.95 -6.40
C ASN A 103 24.54 -12.26 -6.90
N PRO A 104 24.43 -10.99 -7.34
CA PRO A 104 25.57 -10.34 -8.00
C PRO A 104 26.85 -10.40 -7.20
N THR A 105 27.85 -11.12 -7.73
CA THR A 105 29.12 -11.31 -7.08
C THR A 105 30.18 -10.56 -7.87
N ALA A 106 31.02 -9.80 -7.17
CA ALA A 106 32.11 -9.04 -7.77
C ALA A 106 33.44 -9.65 -7.38
N TYR A 107 34.26 -9.98 -8.38
CA TYR A 107 35.58 -10.55 -8.13
C TYR A 107 36.59 -9.44 -7.90
N ASN A 108 37.44 -9.62 -6.89
CA ASN A 108 38.28 -8.53 -6.43
C ASN A 108 39.41 -8.24 -7.40
N LYS A 109 39.60 -6.95 -7.69
CA LYS A 109 40.77 -6.46 -8.41
C LYS A 109 41.80 -5.97 -7.40
N ALA A 110 42.82 -5.27 -7.87
CA ALA A 110 43.89 -4.88 -6.96
C ALA A 110 43.45 -3.80 -5.97
N PRO A 111 43.17 -2.54 -6.40
CA PRO A 111 42.95 -1.50 -5.40
C PRO A 111 41.64 -1.61 -4.63
N PHE A 112 40.51 -1.64 -5.34
CA PHE A 112 39.19 -1.69 -4.72
C PHE A 112 38.15 -1.90 -5.82
N THR A 113 36.88 -1.85 -5.43
CA THR A 113 35.76 -2.13 -6.32
C THR A 113 34.79 -0.95 -6.31
N ARG A 114 34.32 -0.57 -7.50
CA ARG A 114 33.31 0.47 -7.66
C ARG A 114 32.06 -0.18 -8.23
N LEU A 115 30.92 0.02 -7.56
CA LEU A 115 29.64 -0.50 -8.00
C LEU A 115 28.57 0.58 -7.90
N ALA A 116 27.54 0.44 -8.72
CA ALA A 116 26.40 1.35 -8.72
C ALA A 116 25.15 0.56 -8.37
N LEU A 117 24.48 0.97 -7.28
CA LEU A 117 23.31 0.25 -6.81
C LEU A 117 22.05 1.05 -7.07
N PRO A 118 20.92 0.38 -7.31
CA PRO A 118 19.65 1.11 -7.47
C PRO A 118 18.93 1.32 -6.14
N TYR A 119 17.73 1.88 -6.19
CA TYR A 119 16.87 2.06 -5.02
C TYR A 119 15.83 0.94 -5.03
N THR A 120 15.83 0.11 -4.00
CA THR A 120 15.02 -1.10 -3.98
C THR A 120 14.01 -1.15 -2.84
N ALA A 121 13.93 -0.12 -2.00
CA ALA A 121 13.01 -0.15 -0.87
C ALA A 121 11.56 -0.11 -1.35
N PRO A 122 10.66 -0.78 -0.64
CA PRO A 122 9.24 -0.76 -1.06
C PRO A 122 8.60 0.62 -0.99
N HIS A 123 8.99 1.46 -0.02
CA HIS A 123 8.35 2.75 0.14
C HIS A 123 8.77 3.72 -0.95
N ARG A 124 7.90 4.68 -1.25
CA ARG A 124 8.19 5.65 -2.30
C ARG A 124 9.39 6.52 -1.92
N VAL A 125 9.44 7.00 -0.67
CA VAL A 125 10.56 7.79 -0.17
C VAL A 125 10.94 7.26 1.21
N LEU A 126 12.19 7.50 1.59
CA LEU A 126 12.67 7.08 2.90
C LEU A 126 12.48 8.23 3.89
N ALA A 127 13.02 8.08 5.10
CA ALA A 127 12.83 9.09 6.13
C ALA A 127 14.01 9.08 7.10
N THR A 128 14.21 10.20 7.78
CA THR A 128 15.25 10.33 8.78
C THR A 128 14.73 10.35 10.20
N VAL A 129 13.43 10.60 10.40
CA VAL A 129 12.80 10.55 11.71
C VAL A 129 11.46 9.84 11.57
N TYR A 130 11.17 8.95 12.52
CA TYR A 130 9.93 8.18 12.52
C TYR A 130 9.23 8.37 13.85
N ASN A 131 7.92 8.67 13.78
CA ASN A 131 7.10 8.93 14.96
C ASN A 131 6.31 7.67 15.29
N GLY A 132 6.93 6.78 16.06
CA GLY A 132 6.27 5.55 16.46
C GLY A 132 6.98 4.31 15.97
N THR A 133 6.25 3.20 15.88
CA THR A 133 6.83 1.94 15.43
C THR A 133 6.08 1.39 14.22
N SER A 134 6.45 0.20 13.77
CA SER A 134 5.78 -0.42 12.63
C SER A 134 5.47 -1.90 12.83
N LYS A 135 5.72 -2.44 14.02
CA LYS A 135 5.48 -3.85 14.31
C LYS A 135 4.21 -3.99 15.13
N TYR A 136 3.35 -4.93 14.74
CA TYR A 136 2.09 -5.16 15.43
C TYR A 136 2.31 -5.61 16.87
N THR A 156 13.29 7.00 18.13
CA THR A 156 14.58 6.58 18.67
C THR A 156 15.19 5.47 17.81
N GLN A 157 14.37 4.85 16.97
CA GLN A 157 14.83 3.76 16.11
C GLN A 157 13.95 3.71 14.88
N LEU A 158 14.57 3.81 13.70
CA LEU A 158 13.84 3.74 12.46
C LEU A 158 13.52 2.28 12.13
N PRO A 159 12.47 2.05 11.35
CA PRO A 159 12.16 0.69 10.90
C PRO A 159 13.30 0.10 10.08
N ALA A 160 13.43 -1.23 10.18
CA ALA A 160 14.51 -1.93 9.48
C ALA A 160 14.37 -1.88 7.98
N SER A 161 13.20 -1.51 7.46
CA SER A 161 12.98 -1.50 6.02
C SER A 161 13.58 -0.29 5.33
N PHE A 162 14.29 0.57 6.06
CA PHE A 162 14.94 1.75 5.48
C PHE A 162 16.41 1.43 5.23
N ASN A 163 16.67 0.75 4.12
CA ASN A 163 18.03 0.40 3.75
C ASN A 163 18.12 0.27 2.24
N PHE A 164 19.34 -0.01 1.77
CA PHE A 164 19.62 -0.12 0.35
C PHE A 164 19.99 -1.54 -0.08
N GLY A 165 20.22 -2.43 0.87
CA GLY A 165 20.64 -3.79 0.61
C GLY A 165 21.62 -4.25 1.66
N ALA A 166 22.49 -5.17 1.27
CA ALA A 166 23.54 -5.66 2.15
C ALA A 166 24.72 -6.13 1.32
N ILE A 167 25.89 -6.16 1.94
CA ILE A 167 27.11 -6.63 1.29
C ILE A 167 27.84 -7.56 2.25
N ARG A 168 28.57 -8.52 1.69
CA ARG A 168 29.36 -9.45 2.48
C ARG A 168 30.63 -9.82 1.73
N ALA A 169 31.72 -9.93 2.48
CA ALA A 169 32.97 -10.52 2.00
C ALA A 169 33.65 -11.15 3.19
N THR A 170 34.82 -11.75 2.97
CA THR A 170 35.53 -12.37 4.09
C THR A 170 35.97 -11.32 5.10
N ASP A 171 36.16 -10.08 4.65
CA ASP A 171 36.28 -8.91 5.52
C ASP A 171 36.20 -7.66 4.67
N ILE A 172 35.90 -6.54 5.33
CA ILE A 172 35.80 -5.25 4.67
C ILE A 172 36.62 -4.25 5.47
N SER A 173 37.51 -3.52 4.80
CA SER A 173 38.39 -2.58 5.47
C SER A 173 37.88 -1.15 5.41
N GLU A 174 37.32 -0.73 4.27
CA GLU A 174 36.77 0.60 4.14
C GLU A 174 35.57 0.57 3.20
N LEU A 175 34.70 1.55 3.36
CA LEU A 175 33.47 1.64 2.59
C LEU A 175 33.10 3.11 2.43
N LEU A 176 32.92 3.55 1.18
CA LEU A 176 32.51 4.91 0.87
C LEU A 176 31.20 4.87 0.11
N VAL A 177 30.33 5.85 0.33
CA VAL A 177 29.03 5.92 -0.31
C VAL A 177 28.88 7.27 -0.99
N ARG A 178 28.01 7.33 -1.99
CA ARG A 178 27.84 8.52 -2.81
C ARG A 178 26.37 8.61 -3.25
N MET A 179 25.74 9.74 -2.93
CA MET A 179 24.33 9.93 -3.25
C MET A 179 24.18 10.60 -4.60
N LYS A 180 23.55 9.91 -5.54
CA LYS A 180 23.34 10.42 -6.89
C LYS A 180 21.90 10.84 -7.08
N ARG A 181 21.70 11.95 -7.78
CA ARG A 181 20.37 12.47 -8.09
C ARG A 181 19.52 12.62 -6.83
N ALA A 182 20.12 13.17 -5.77
CA ALA A 182 19.42 13.28 -4.50
C ALA A 182 18.29 14.31 -4.57
N GLU A 183 17.30 14.11 -3.72
CA GLU A 183 16.20 15.05 -3.55
C GLU A 183 15.75 15.02 -2.10
N LEU A 184 15.34 16.18 -1.59
CA LEU A 184 15.00 16.33 -0.19
C LEU A 184 13.64 17.00 -0.05
N TYR A 185 12.98 16.74 1.09
CA TYR A 185 11.64 17.24 1.34
C TYR A 185 11.54 17.69 2.79
N CYS A 186 10.63 18.65 3.04
CA CYS A 186 10.25 19.07 4.38
C CYS A 186 11.42 19.46 5.26
N PRO A 187 11.98 20.67 5.10
CA PRO A 187 13.19 21.04 5.84
C PRO A 187 12.98 21.04 7.35
N ARG A 188 14.07 20.79 8.07
CA ARG A 188 14.15 20.72 9.52
C ARG A 188 15.27 21.62 10.02
N PRO A 189 15.29 21.95 11.32
CA PRO A 189 16.32 22.86 11.84
C PRO A 189 17.74 22.35 11.60
N LEU A 190 18.63 23.28 11.27
CA LEU A 190 20.05 23.03 11.10
C LEU A 190 20.81 23.96 12.02
N LEU A 191 21.68 23.38 12.85
CA LEU A 191 22.35 24.13 13.91
C LEU A 191 23.85 24.23 13.64
N ALA A 192 24.41 25.38 13.96
CA ALA A 192 25.84 25.63 13.88
C ALA A 192 26.50 25.33 15.22
N VAL A 193 27.82 25.40 15.24
CA VAL A 193 28.56 25.15 16.48
C VAL A 193 28.27 26.29 17.46
N GLU A 194 28.22 25.95 18.74
CA GLU A 194 27.86 26.92 19.77
C GLU A 194 29.08 27.76 20.16
N VAL A 195 28.80 28.92 20.76
CA VAL A 195 29.82 29.81 21.28
C VAL A 195 29.66 29.86 22.80
N THR A 196 30.72 29.47 23.52
CA THR A 196 30.64 29.34 24.97
C THR A 196 30.57 30.72 25.64
N ALA A 197 31.60 31.54 25.45
CA ALA A 197 31.60 32.88 26.02
C ALA A 197 32.16 33.95 25.09
N GLN A 198 32.62 33.58 23.89
CA GLN A 198 33.18 34.54 22.96
C GLN A 198 32.06 35.23 22.19
N ASP A 199 32.44 36.21 21.36
CA ASP A 199 31.46 36.87 20.51
C ASP A 199 30.99 35.93 19.40
N ARG A 200 31.92 35.20 18.79
CA ARG A 200 31.60 34.26 17.72
C ARG A 200 32.73 33.25 17.63
N HIS A 201 32.45 32.16 16.92
CA HIS A 201 33.43 31.09 16.75
C HIS A 201 34.62 31.60 15.94
N LYS A 202 35.83 31.23 16.37
CA LYS A 202 37.06 31.57 15.67
C LYS A 202 37.70 30.28 15.15
N GLN A 203 37.89 30.20 13.84
CA GLN A 203 38.59 29.09 13.21
C GLN A 203 39.73 29.64 12.36
N LYS A 204 40.90 29.03 12.47
CA LYS A 204 42.09 29.51 11.78
C LYS A 204 41.99 29.17 10.29
N ILE A 205 42.14 30.18 9.44
CA ILE A 205 42.05 29.97 8.00
C ILE A 205 43.43 29.70 7.42
N ILE A 206 43.45 29.08 6.23
CA ILE A 206 44.71 28.82 5.55
C ILE A 206 45.33 30.13 5.09
N ALA A 207 46.61 30.30 5.41
CA ALA A 207 47.30 31.54 5.09
C ALA A 207 48.63 31.23 4.42
N PRO A 208 49.09 32.07 3.50
CA PRO A 208 50.38 31.86 2.85
C PRO A 208 51.59 32.27 3.68
N ALA A 209 51.41 32.51 4.98
CA ALA A 209 52.49 33.00 5.81
C ALA A 209 53.66 32.02 5.84
N LYS A 210 54.87 32.56 5.72
CA LYS A 210 56.08 31.75 5.70
C LYS A 210 56.87 31.92 7.00
N GLU B 52 -10.17 2.53 -3.30
CA GLU B 52 -10.49 3.25 -2.07
C GLU B 52 -11.73 4.11 -2.24
N THR B 53 -12.38 4.42 -1.13
CA THR B 53 -13.58 5.25 -1.14
C THR B 53 -13.40 6.40 -0.15
N ARG B 54 -13.95 7.55 -0.51
CA ARG B 54 -13.87 8.74 0.31
C ARG B 54 -15.11 8.85 1.19
N VAL B 55 -14.89 9.00 2.49
CA VAL B 55 -15.96 9.09 3.48
C VAL B 55 -16.12 10.56 3.87
N THR B 56 -17.20 11.17 3.40
CA THR B 56 -17.44 12.58 3.66
C THR B 56 -18.01 12.85 5.04
N GLN B 57 -18.42 11.81 5.76
CA GLN B 57 -19.02 12.00 7.08
C GLN B 57 -17.98 12.11 8.19
N ALA B 58 -16.72 11.80 7.90
CA ALA B 58 -15.67 11.87 8.90
C ALA B 58 -14.97 13.22 8.94
N GLU B 59 -15.36 14.17 8.08
CA GLU B 59 -14.71 15.48 8.02
C GLU B 59 -15.62 16.49 8.71
N ARG B 60 -15.45 16.62 10.03
CA ARG B 60 -16.20 17.61 10.79
C ARG B 60 -15.34 18.09 11.94
N PHE B 61 -15.67 19.28 12.45
CA PHE B 61 -14.86 19.92 13.46
C PHE B 61 -15.05 19.28 14.83
N PHE B 62 -14.22 19.68 15.77
CA PHE B 62 -14.34 19.18 17.12
C PHE B 62 -13.44 20.03 18.04
N LYS B 63 -13.99 20.99 18.79
CA LYS B 63 -13.19 21.87 19.64
C LYS B 63 -12.58 21.17 20.86
N LYS B 64 -11.40 21.60 21.32
CA LYS B 64 -10.71 20.91 22.41
C LYS B 64 -10.01 21.83 23.40
N HIS B 65 -8.97 21.37 24.10
CA HIS B 65 -8.25 22.25 25.00
C HIS B 65 -6.75 22.06 24.79
N LEU B 66 -6.02 23.16 24.69
CA LEU B 66 -4.61 23.00 24.42
C LEU B 66 -3.80 23.13 25.71
N PHE B 67 -3.81 24.29 26.36
CA PHE B 67 -3.04 24.48 27.58
C PHE B 67 -3.50 25.77 28.25
N ASN B 68 -2.84 26.12 29.34
CA ASN B 68 -3.16 27.30 30.13
C ASN B 68 -2.06 28.34 29.94
N TRP B 69 -2.46 29.56 29.57
CA TRP B 69 -1.51 30.64 29.35
C TRP B 69 -1.55 31.59 30.53
N THR B 70 -0.61 31.41 31.46
CA THR B 70 -0.42 32.28 32.62
C THR B 70 0.77 33.21 32.35
N THR B 71 1.21 33.90 33.40
CA THR B 71 2.31 34.85 33.28
C THR B 71 3.64 34.29 33.73
N ASP B 72 3.66 33.16 34.44
CA ASP B 72 4.90 32.62 34.98
C ASP B 72 5.61 31.68 34.02
N LYS B 73 5.18 31.60 32.76
CA LYS B 73 5.79 30.70 31.79
C LYS B 73 6.69 31.51 30.85
N PRO B 74 8.00 31.30 30.86
CA PRO B 74 8.90 32.13 30.05
C PRO B 74 8.99 31.64 28.61
N PHE B 75 9.90 32.23 27.84
CA PHE B 75 10.15 31.77 26.48
C PHE B 75 10.61 30.32 26.48
N GLY B 76 10.09 29.56 25.53
CA GLY B 76 10.45 28.16 25.39
C GLY B 76 9.48 27.17 26.02
N HIS B 77 8.34 27.63 26.53
CA HIS B 77 7.34 26.72 27.05
C HIS B 77 6.63 26.02 25.90
N LEU B 78 6.71 24.70 25.86
CA LEU B 78 6.26 23.93 24.70
C LEU B 78 5.09 23.03 25.10
N GLU B 79 4.07 22.98 24.24
CA GLU B 79 2.94 22.08 24.40
C GLU B 79 2.67 21.40 23.06
N LYS B 80 2.29 20.12 23.11
CA LYS B 80 2.11 19.33 21.91
C LYS B 80 0.82 18.52 21.99
N LEU B 81 0.28 18.19 20.82
CA LEU B 81 -0.91 17.34 20.72
C LEU B 81 -0.84 16.61 19.38
N LYS B 82 -0.42 15.35 19.42
CA LYS B 82 -0.29 14.58 18.18
C LYS B 82 -1.66 14.29 17.59
N LEU B 83 -1.72 14.24 16.27
CA LEU B 83 -2.97 13.95 15.58
C LEU B 83 -2.86 12.65 14.79
N PRO B 84 -3.93 11.85 14.71
CA PRO B 84 -5.26 12.09 15.28
C PRO B 84 -5.36 11.72 16.76
N THR B 85 -6.09 12.51 17.53
CA THR B 85 -6.32 12.21 18.94
C THR B 85 -7.53 11.30 19.07
N ASP B 86 -8.04 11.16 20.30
CA ASP B 86 -9.16 10.26 20.57
C ASP B 86 -10.46 10.92 20.13
N HIS B 87 -10.69 10.99 18.81
CA HIS B 87 -11.97 11.44 18.26
C HIS B 87 -13.03 10.42 18.65
N LYS B 88 -14.19 10.91 19.11
CA LYS B 88 -15.26 10.05 19.59
C LYS B 88 -16.40 9.92 18.58
N GLY B 89 -16.23 10.41 17.36
CA GLY B 89 -17.29 10.37 16.38
C GLY B 89 -17.12 9.28 15.34
N VAL B 90 -17.46 9.61 14.08
CA VAL B 90 -17.30 8.66 12.99
C VAL B 90 -15.83 8.34 12.76
N TYR B 91 -14.95 9.33 12.97
CA TYR B 91 -13.52 9.14 12.71
C TYR B 91 -12.92 8.08 13.61
N GLY B 92 -13.30 8.02 14.88
CA GLY B 92 -12.81 6.96 15.74
C GLY B 92 -13.28 5.59 15.30
N HIS B 93 -14.52 5.50 14.81
CA HIS B 93 -15.00 4.24 14.27
C HIS B 93 -14.22 3.83 13.03
N LEU B 94 -13.85 4.81 12.20
CA LEU B 94 -12.99 4.49 11.05
C LEU B 94 -11.62 4.03 11.52
N VAL B 95 -11.08 4.67 12.56
CA VAL B 95 -9.76 4.32 13.05
C VAL B 95 -9.74 2.88 13.56
N ASP B 96 -10.78 2.48 14.30
CA ASP B 96 -10.79 1.15 14.88
C ASP B 96 -11.29 0.07 13.93
N SER B 97 -12.38 0.33 13.21
CA SER B 97 -13.00 -0.67 12.34
C SER B 97 -12.51 -0.59 10.90
N PHE B 98 -11.53 0.27 10.61
CA PHE B 98 -10.85 0.28 9.33
C PHE B 98 -9.35 0.38 9.60
N ALA B 99 -8.56 -0.13 8.67
CA ALA B 99 -7.13 -0.28 8.93
C ALA B 99 -6.29 0.83 8.30
N TYR B 100 -6.44 1.04 7.00
CA TYR B 100 -5.54 1.90 6.25
C TYR B 100 -6.28 3.17 5.82
N MET B 101 -5.83 4.30 6.34
CA MET B 101 -6.46 5.59 6.09
C MET B 101 -5.43 6.61 5.64
N ARG B 102 -5.90 7.63 4.94
CA ARG B 102 -5.09 8.79 4.61
C ARG B 102 -5.97 10.03 4.62
N ASN B 103 -5.45 11.11 5.20
CA ASN B 103 -6.22 12.35 5.29
C ASN B 103 -5.29 13.48 5.70
N GLY B 104 -5.71 14.70 5.38
CA GLY B 104 -5.03 15.90 5.82
C GLY B 104 -5.63 16.43 7.11
N TRP B 105 -5.37 17.72 7.37
CA TRP B 105 -5.87 18.36 8.56
C TRP B 105 -6.04 19.85 8.31
N ASP B 106 -6.82 20.49 9.18
CA ASP B 106 -6.85 21.94 9.29
C ASP B 106 -7.24 22.30 10.73
N VAL B 107 -6.70 23.40 11.25
CA VAL B 107 -6.82 23.73 12.66
C VAL B 107 -7.11 25.22 12.81
N GLU B 108 -7.91 25.63 13.78
CA GLU B 108 -8.09 27.06 14.03
C GLU B 108 -7.90 27.35 15.49
N VAL B 109 -6.75 27.87 15.89
CA VAL B 109 -6.51 28.10 17.30
C VAL B 109 -6.88 29.48 17.68
N SER B 110 -7.48 29.64 18.86
CA SER B 110 -7.91 30.96 19.28
C SER B 110 -7.50 31.18 20.73
N ALA B 111 -6.88 32.33 21.00
CA ALA B 111 -6.53 32.73 22.35
C ALA B 111 -7.46 33.87 22.77
N VAL B 112 -8.39 33.56 23.66
CA VAL B 112 -9.38 34.55 24.09
C VAL B 112 -8.73 35.47 25.13
N GLY B 113 -8.79 36.78 24.87
CA GLY B 113 -8.19 37.74 25.78
C GLY B 113 -8.62 39.17 25.49
N ASN B 114 -7.67 40.09 25.61
CA ASN B 114 -7.93 41.50 25.33
C ASN B 114 -6.61 42.17 24.95
N GLN B 115 -6.73 43.34 24.33
CA GLN B 115 -5.56 44.05 23.81
C GLN B 115 -4.67 44.62 24.91
N PHE B 116 -5.13 44.62 26.16
CA PHE B 116 -4.37 45.20 27.26
C PHE B 116 -3.25 44.30 27.75
N ASN B 117 -3.13 43.09 27.21
CA ASN B 117 -2.06 42.18 27.53
C ASN B 117 -1.03 42.18 26.41
N GLY B 118 0.19 41.76 26.75
CA GLY B 118 1.26 41.67 25.77
C GLY B 118 1.84 40.26 25.73
N GLY B 119 2.28 39.88 24.55
CA GLY B 119 2.87 38.57 24.36
C GLY B 119 2.71 38.11 22.92
N CYS B 120 3.36 36.99 22.62
CA CYS B 120 3.29 36.39 21.31
C CYS B 120 3.22 34.88 21.46
N LEU B 121 2.39 34.24 20.65
CA LEU B 121 2.27 32.78 20.62
C LEU B 121 2.59 32.28 19.23
N LEU B 122 3.32 31.17 19.16
CA LEU B 122 3.67 30.54 17.89
C LEU B 122 2.97 29.18 17.81
N VAL B 123 2.20 28.99 16.74
CA VAL B 123 1.53 27.72 16.47
C VAL B 123 2.11 27.15 15.18
N ALA B 124 2.35 25.84 15.17
CA ALA B 124 3.01 25.21 14.03
C ALA B 124 2.57 23.77 13.90
N MET B 125 2.76 23.22 12.71
CA MET B 125 2.43 21.83 12.37
C MET B 125 3.72 21.13 11.95
N VAL B 126 4.39 20.49 12.92
CA VAL B 126 5.64 19.79 12.67
C VAL B 126 5.33 18.39 12.17
N PRO B 127 5.86 17.97 11.02
CA PRO B 127 5.68 16.58 10.58
C PRO B 127 6.78 15.70 11.17
N GLU B 128 6.43 14.47 11.51
CA GLU B 128 7.35 13.51 12.12
C GLU B 128 7.98 14.10 13.39
N TRP B 129 7.11 14.35 14.35
CA TRP B 129 7.50 15.08 15.56
C TRP B 129 8.62 14.37 16.30
N LYS B 130 9.49 15.16 16.92
CA LYS B 130 10.63 14.66 17.67
C LYS B 130 10.93 15.65 18.79
N LYS B 131 11.41 15.14 19.92
CA LYS B 131 11.71 15.99 21.05
C LYS B 131 12.77 17.02 20.68
N PHE B 132 12.55 18.27 21.09
CA PHE B 132 13.37 19.39 20.68
C PHE B 132 14.26 19.86 21.82
N THR B 133 15.56 19.95 21.57
CA THR B 133 16.46 20.59 22.51
C THR B 133 16.27 22.10 22.44
N PRO B 134 16.68 22.85 23.49
CA PRO B 134 16.42 24.29 23.51
C PRO B 134 17.01 25.06 22.34
N ARG B 135 18.11 24.58 21.78
CA ARG B 135 18.81 25.31 20.73
C ARG B 135 17.96 25.46 19.47
N GLU B 136 17.26 24.40 19.06
CA GLU B 136 16.48 24.44 17.84
C GLU B 136 15.09 25.04 18.04
N LYS B 137 14.71 25.40 19.27
CA LYS B 137 13.46 26.11 19.46
C LYS B 137 13.48 27.49 18.82
N TYR B 138 14.67 28.00 18.49
CA TYR B 138 14.79 29.26 17.76
C TYR B 138 14.45 29.11 16.28
N GLN B 139 14.31 27.88 15.78
CA GLN B 139 14.09 27.64 14.37
C GLN B 139 12.78 26.88 14.09
N LEU B 140 11.71 27.18 14.83
CA LEU B 140 10.44 26.54 14.55
C LEU B 140 9.66 27.24 13.45
N THR B 141 10.21 28.27 12.82
CA THR B 141 9.54 28.91 11.70
C THR B 141 9.81 28.21 10.38
N LEU B 142 10.60 27.13 10.38
CA LEU B 142 10.82 26.37 9.16
C LEU B 142 9.62 25.54 8.79
N PHE B 143 8.81 25.14 9.77
CA PHE B 143 7.56 24.44 9.58
C PHE B 143 6.43 25.42 9.28
N PRO B 144 5.33 24.96 8.71
CA PRO B 144 4.17 25.84 8.53
C PRO B 144 3.72 26.41 9.88
N HIS B 145 3.41 27.70 9.91
CA HIS B 145 3.20 28.38 11.17
C HIS B 145 2.40 29.65 10.96
N GLN B 146 1.88 30.17 12.08
CA GLN B 146 1.32 31.52 12.15
C GLN B 146 1.56 32.06 13.54
N PHE B 147 1.64 33.39 13.64
CA PHE B 147 1.89 34.06 14.91
C PHE B 147 0.57 34.53 15.50
N ILE B 148 0.38 34.24 16.78
CA ILE B 148 -0.80 34.65 17.52
C ILE B 148 -0.37 35.60 18.63
N SER B 149 -0.90 36.82 18.60
CA SER B 149 -0.59 37.83 19.61
C SER B 149 -1.87 38.64 19.84
N PRO B 150 -2.32 38.76 21.09
CA PRO B 150 -3.58 39.48 21.34
C PRO B 150 -3.56 40.94 20.88
N ARG B 151 -2.38 41.54 20.72
CA ARG B 151 -2.30 42.90 20.22
C ARG B 151 -2.77 42.99 18.77
N THR B 152 -2.40 42.02 17.94
CA THR B 152 -2.60 42.12 16.49
C THR B 152 -3.68 41.16 15.98
N ASN B 153 -3.53 39.86 16.20
CA ASN B 153 -4.42 38.87 15.63
C ASN B 153 -5.08 38.05 16.74
N MET B 154 -6.06 37.24 16.35
CA MET B 154 -6.78 36.39 17.28
C MET B 154 -6.91 34.94 16.85
N THR B 155 -6.89 34.63 15.56
CA THR B 155 -7.11 33.27 15.09
C THR B 155 -6.07 32.91 14.04
N ALA B 156 -5.59 31.68 14.09
CA ALA B 156 -4.68 31.15 13.10
C ALA B 156 -5.40 30.16 12.20
N HIS B 157 -4.73 29.78 11.11
CA HIS B 157 -5.34 28.89 10.12
C HIS B 157 -4.23 28.17 9.38
N ILE B 158 -4.05 26.88 9.66
CA ILE B 158 -3.03 26.06 9.01
C ILE B 158 -3.70 24.83 8.41
N THR B 159 -3.48 24.62 7.12
CA THR B 159 -3.97 23.44 6.42
C THR B 159 -2.79 22.66 5.87
N VAL B 160 -2.78 21.35 6.13
CA VAL B 160 -1.67 20.50 5.72
C VAL B 160 -2.21 19.31 4.96
N PRO B 161 -1.46 18.81 3.98
CA PRO B 161 -1.89 17.61 3.24
C PRO B 161 -1.41 16.33 3.90
N TYR B 162 -1.70 15.19 3.28
CA TYR B 162 -1.19 13.92 3.77
C TYR B 162 0.16 13.62 3.12
N LEU B 163 1.11 13.17 3.93
CA LEU B 163 2.43 12.82 3.43
C LEU B 163 3.08 11.82 4.37
N GLY B 164 3.83 10.89 3.79
CA GLY B 164 4.48 9.85 4.56
C GLY B 164 5.17 8.88 3.62
N VAL B 165 5.84 7.89 4.22
CA VAL B 165 6.53 6.89 3.43
C VAL B 165 5.56 5.95 2.73
N ASN B 166 4.47 5.54 3.38
CA ASN B 166 3.48 4.65 2.80
C ASN B 166 2.28 5.44 2.32
N ARG B 167 1.63 4.94 1.27
CA ARG B 167 0.47 5.62 0.73
C ARG B 167 -0.71 5.56 1.68
N TYR B 168 -0.76 4.55 2.55
CA TYR B 168 -1.78 4.43 3.57
C TYR B 168 -1.12 4.17 4.92
N ASP B 169 -1.73 4.68 5.98
CA ASP B 169 -1.14 4.61 7.30
C ASP B 169 -2.13 4.05 8.30
N GLN B 170 -1.61 3.44 9.36
CA GLN B 170 -2.38 2.90 10.46
C GLN B 170 -2.16 3.83 11.66
N TYR B 171 -3.13 4.73 11.90
CA TYR B 171 -2.99 5.74 12.93
C TYR B 171 -2.91 5.18 14.35
N LYS B 172 -3.25 3.90 14.54
CA LYS B 172 -3.02 3.27 15.83
C LYS B 172 -1.53 3.09 16.12
N LYS B 173 -0.68 3.18 15.11
CA LYS B 173 0.76 2.95 15.24
C LYS B 173 1.60 4.17 14.94
N HIS B 174 1.27 4.94 13.91
CA HIS B 174 2.10 6.06 13.48
C HIS B 174 1.23 7.32 13.36
N LYS B 175 1.78 8.44 13.85
CA LYS B 175 1.08 9.72 13.86
C LYS B 175 1.96 10.76 13.17
N PRO B 176 1.64 11.09 11.92
CA PRO B 176 2.52 11.97 11.14
C PRO B 176 2.60 13.40 11.66
N TRP B 177 1.47 14.07 11.81
CA TRP B 177 1.44 15.49 12.17
C TRP B 177 1.33 15.68 13.67
N THR B 178 1.50 16.94 14.09
CA THR B 178 1.45 17.31 15.49
C THR B 178 1.12 18.80 15.59
N LEU B 179 0.38 19.20 16.61
CA LEU B 179 0.10 20.63 16.84
C LEU B 179 1.01 21.11 17.94
N VAL B 180 1.77 22.16 17.69
CA VAL B 180 2.80 22.70 18.57
C VAL B 180 2.46 24.15 18.86
N VAL B 181 2.41 24.51 20.15
CA VAL B 181 2.19 25.88 20.58
C VAL B 181 3.28 26.24 21.57
N MET B 182 3.99 27.34 21.30
CA MET B 182 5.11 27.76 22.13
C MET B 182 4.99 29.25 22.40
N VAL B 183 5.51 29.66 23.56
CA VAL B 183 5.47 31.06 23.97
C VAL B 183 6.74 31.74 23.47
N VAL B 184 6.58 32.71 22.56
CA VAL B 184 7.73 33.45 22.05
C VAL B 184 8.16 34.52 23.04
N SER B 185 7.24 35.39 23.43
CA SER B 185 7.48 36.40 24.43
C SER B 185 6.53 36.23 25.60
N PRO B 186 6.98 36.42 26.84
CA PRO B 186 6.14 36.08 27.98
C PRO B 186 4.90 36.96 28.07
N LEU B 187 3.84 36.38 28.60
CA LEU B 187 2.59 37.11 28.79
C LEU B 187 2.77 38.18 29.85
N THR B 188 2.82 39.43 29.42
CA THR B 188 2.89 40.57 30.34
C THR B 188 1.48 41.07 30.58
N THR B 189 1.19 41.42 31.83
CA THR B 189 -0.13 41.88 32.22
C THR B 189 0.00 42.87 33.38
N SER B 190 -1.04 43.67 33.54
CA SER B 190 -1.09 44.64 34.63
C SER B 190 -2.41 44.52 35.38
N SER B 191 -2.69 45.47 36.27
CA SER B 191 -3.94 45.45 37.03
C SER B 191 -5.17 45.61 36.15
N ILE B 192 -5.01 46.04 34.91
CA ILE B 192 -6.12 46.22 33.99
C ILE B 192 -6.11 45.16 32.87
N GLY B 193 -5.30 44.12 33.03
CA GLY B 193 -5.25 43.05 32.04
C GLY B 193 -5.69 41.71 32.59
N ALA B 194 -6.10 40.81 31.72
CA ALA B 194 -6.54 39.48 32.15
C ALA B 194 -5.36 38.70 32.72
N THR B 195 -5.61 38.00 33.83
CA THR B 195 -4.55 37.27 34.50
C THR B 195 -4.28 35.89 33.91
N GLU B 196 -5.18 35.39 33.06
CA GLU B 196 -5.01 34.06 32.50
C GLU B 196 -5.85 33.94 31.24
N ILE B 197 -5.27 33.32 30.22
CA ILE B 197 -5.86 33.25 28.89
C ILE B 197 -6.03 31.79 28.49
N LYS B 198 -7.19 31.45 27.96
CA LYS B 198 -7.51 30.09 27.52
C LYS B 198 -7.39 30.00 26.00
N VAL B 199 -6.75 28.94 25.52
CA VAL B 199 -6.54 28.71 24.10
C VAL B 199 -7.37 27.51 23.67
N TYR B 200 -7.90 27.55 22.45
CA TYR B 200 -8.73 26.47 21.99
C TYR B 200 -8.12 25.72 20.87
N ALA B 201 -8.95 25.28 19.94
CA ALA B 201 -8.47 24.44 18.88
C ALA B 201 -9.58 23.72 18.15
N ASN B 202 -9.96 24.17 16.97
CA ASN B 202 -10.93 23.43 16.19
C ASN B 202 -10.08 22.54 15.28
N ILE B 203 -10.55 21.36 14.87
CA ILE B 203 -9.72 20.44 14.11
C ILE B 203 -10.55 19.46 13.29
N ALA B 204 -10.34 19.39 11.97
CA ALA B 204 -11.14 18.55 11.12
C ALA B 204 -10.29 17.93 10.01
N PRO B 205 -10.27 16.60 9.91
CA PRO B 205 -9.54 15.96 8.80
C PRO B 205 -10.16 16.33 7.46
N THR B 206 -9.32 16.38 6.43
CA THR B 206 -9.75 16.71 5.08
C THR B 206 -9.35 15.57 4.14
N HIS B 207 -10.20 15.30 3.15
CA HIS B 207 -9.94 14.29 2.13
C HIS B 207 -9.64 12.93 2.73
N VAL B 208 -10.59 12.43 3.52
CA VAL B 208 -10.43 11.13 4.17
C VAL B 208 -10.65 10.03 3.14
N HIS B 209 -9.63 9.19 2.96
CA HIS B 209 -9.68 8.07 2.04
C HIS B 209 -9.28 6.81 2.78
N VAL B 210 -10.06 5.74 2.61
CA VAL B 210 -9.84 4.49 3.32
C VAL B 210 -9.87 3.34 2.33
N ALA B 211 -9.10 2.30 2.63
CA ALA B 211 -9.08 1.08 1.83
C ALA B 211 -9.08 -0.11 2.77
N GLY B 212 -9.66 -1.22 2.31
CA GLY B 212 -9.68 -2.43 3.10
C GLY B 212 -10.62 -2.38 4.29
N GLU B 213 -11.92 -2.38 4.03
CA GLU B 213 -12.91 -2.39 5.10
C GLU B 213 -12.81 -3.66 5.92
N LEU B 214 -12.97 -3.51 7.28
CA LEU B 214 -12.80 -4.53 8.30
C LEU B 214 -14.12 -4.92 8.95
N PRO B 215 -14.20 -6.11 9.55
CA PRO B 215 -15.43 -6.51 10.23
C PRO B 215 -15.64 -5.76 11.53
N SER B 216 -16.81 -5.98 12.13
CA SER B 216 -17.12 -5.42 13.42
C SER B 216 -16.53 -6.26 14.54
N LYS B 217 -16.77 -5.82 15.78
CA LYS B 217 -16.25 -6.51 16.96
C LYS B 217 -17.31 -7.22 17.77
N GLU B 218 -18.58 -6.98 17.49
CA GLU B 218 -19.67 -7.61 18.23
C GLU B 218 -19.82 -9.07 17.83
N GLY C 1 50.42 11.65 -33.42
CA GLY C 1 50.79 10.65 -32.42
C GLY C 1 49.69 9.65 -32.17
N ILE C 2 49.61 9.15 -30.93
CA ILE C 2 48.60 8.17 -30.56
C ILE C 2 47.73 8.76 -29.46
N VAL C 3 46.55 8.17 -29.24
CA VAL C 3 45.58 8.69 -28.28
C VAL C 3 46.05 8.41 -26.86
N PRO C 4 45.98 9.39 -25.95
CA PRO C 4 46.27 9.10 -24.55
C PRO C 4 45.05 8.63 -23.80
N VAL C 5 45.19 7.61 -22.96
CA VAL C 5 44.10 7.08 -22.16
C VAL C 5 44.54 7.00 -20.70
N ALA C 6 43.57 6.98 -19.81
CA ALA C 6 43.81 6.88 -18.38
C ALA C 6 43.17 5.59 -17.86
N CYS C 7 43.98 4.74 -17.23
CA CYS C 7 43.51 3.48 -16.69
C CYS C 7 42.88 3.75 -15.33
N SER C 8 41.54 3.79 -15.29
CA SER C 8 40.83 4.12 -14.07
C SER C 8 41.03 3.05 -13.01
N ASP C 9 40.97 3.46 -11.75
CA ASP C 9 41.10 2.56 -10.62
C ASP C 9 39.72 2.13 -10.13
N GLY C 10 39.54 0.82 -9.96
CA GLY C 10 38.30 0.26 -9.50
C GLY C 10 37.44 -0.38 -10.57
N TYR C 11 37.60 0.01 -11.83
CA TYR C 11 36.86 -0.58 -12.93
C TYR C 11 37.62 -1.77 -13.50
N GLY C 12 36.90 -2.59 -14.28
CA GLY C 12 37.50 -3.67 -15.02
C GLY C 12 37.27 -5.05 -14.44
N GLY C 13 36.83 -5.14 -13.18
CA GLY C 13 36.64 -6.44 -12.58
C GLY C 13 35.51 -7.22 -13.22
N LEU C 14 35.42 -8.50 -12.87
CA LEU C 14 34.37 -9.36 -13.39
C LEU C 14 33.21 -9.42 -12.41
N VAL C 15 32.03 -9.06 -12.87
CA VAL C 15 30.80 -9.14 -12.09
C VAL C 15 29.89 -10.17 -12.75
N THR C 16 29.26 -11.01 -11.93
CA THR C 16 28.48 -12.14 -12.42
C THR C 16 27.39 -11.72 -13.39
N THR C 17 26.87 -10.49 -13.25
CA THR C 17 25.77 -10.07 -14.12
C THR C 17 26.10 -8.80 -14.89
N ASP C 18 27.36 -8.62 -15.29
CA ASP C 18 27.70 -7.45 -16.11
C ASP C 18 27.07 -7.59 -17.50
N PRO C 19 26.75 -6.48 -18.16
CA PRO C 19 26.04 -6.55 -19.44
C PRO C 19 26.93 -6.58 -20.68
N LYS C 20 28.24 -6.79 -20.54
CA LYS C 20 29.12 -6.75 -21.69
C LYS C 20 29.42 -8.17 -22.18
N THR C 21 29.51 -8.30 -23.50
CA THR C 21 29.66 -9.59 -24.17
C THR C 21 31.14 -9.99 -24.25
N ALA C 22 31.37 -11.22 -24.69
CA ALA C 22 32.70 -11.78 -24.81
C ALA C 22 33.13 -11.85 -26.27
N ASP C 23 34.37 -12.26 -26.46
CA ASP C 23 34.98 -12.28 -27.79
C ASP C 23 34.80 -13.64 -28.44
N PRO C 24 34.21 -13.72 -29.64
CA PRO C 24 33.93 -15.04 -30.24
C PRO C 24 35.20 -15.78 -30.62
N VAL C 25 35.08 -17.11 -30.67
CA VAL C 25 36.22 -17.98 -30.94
C VAL C 25 36.00 -18.87 -32.16
N TYR C 26 34.77 -18.98 -32.67
CA TYR C 26 34.47 -19.95 -33.73
C TYR C 26 33.32 -19.36 -34.55
N GLY C 27 33.65 -18.73 -35.67
CA GLY C 27 32.66 -18.00 -36.43
C GLY C 27 32.00 -18.82 -37.53
N LYS C 28 31.01 -18.21 -38.16
CA LYS C 28 30.26 -18.79 -39.28
C LYS C 28 29.67 -20.15 -38.88
N VAL C 29 28.70 -20.09 -37.98
CA VAL C 29 27.90 -21.26 -37.60
C VAL C 29 26.44 -20.88 -37.76
N TYR C 30 25.74 -21.58 -38.66
CA TYR C 30 24.34 -21.32 -38.94
C TYR C 30 23.53 -22.51 -38.41
N ASN C 31 22.69 -22.25 -37.42
CA ASN C 31 21.92 -23.31 -36.79
C ASN C 31 20.53 -23.41 -37.43
N PRO C 32 19.98 -24.60 -37.53
CA PRO C 32 18.64 -24.77 -38.11
C PRO C 32 17.61 -24.00 -37.32
N PRO C 33 16.64 -23.37 -37.99
CA PRO C 33 15.68 -22.52 -37.27
C PRO C 33 14.77 -23.36 -36.38
N ARG C 34 14.35 -22.75 -35.26
CA ARG C 34 13.38 -23.37 -34.37
C ARG C 34 12.06 -22.63 -34.47
N THR C 35 11.69 -22.26 -35.70
CA THR C 35 10.42 -21.59 -35.93
C THR C 35 9.26 -22.55 -35.76
N ASN C 36 8.06 -21.98 -35.67
CA ASN C 36 6.78 -22.69 -35.46
C ASN C 36 6.94 -23.93 -34.59
N TYR C 37 7.57 -23.75 -33.44
CA TYR C 37 7.59 -24.79 -32.41
C TYR C 37 6.48 -24.52 -31.40
N PRO C 38 5.50 -25.41 -31.29
CA PRO C 38 4.38 -25.15 -30.37
C PRO C 38 4.84 -25.11 -28.92
N GLY C 39 4.17 -24.27 -28.14
CA GLY C 39 4.41 -24.23 -26.71
C GLY C 39 5.63 -23.42 -26.31
N ARG C 40 5.76 -22.21 -26.82
CA ARG C 40 6.84 -21.32 -26.45
C ARG C 40 6.30 -20.25 -25.50
N PHE C 41 6.90 -20.17 -24.32
CA PHE C 41 6.51 -19.18 -23.31
C PHE C 41 7.69 -18.27 -23.03
N THR C 42 7.43 -16.95 -23.03
CA THR C 42 8.48 -15.96 -22.81
C THR C 42 8.38 -15.25 -21.47
N ASN C 43 7.26 -15.39 -20.76
CA ASN C 43 7.09 -14.79 -19.45
C ASN C 43 6.53 -15.83 -18.49
N LEU C 44 7.11 -15.90 -17.30
CA LEU C 44 6.66 -16.88 -16.31
C LEU C 44 5.27 -16.54 -15.79
N LEU C 45 4.99 -15.25 -15.58
CA LEU C 45 3.70 -14.85 -15.05
C LEU C 45 2.57 -15.11 -16.03
N ASP C 46 2.84 -15.14 -17.33
CA ASP C 46 1.81 -15.52 -18.30
C ASP C 46 1.37 -16.97 -18.08
N VAL C 47 2.34 -17.87 -17.88
CA VAL C 47 2.01 -19.26 -17.58
C VAL C 47 1.29 -19.36 -16.23
N ALA C 48 1.74 -18.59 -15.23
CA ALA C 48 1.09 -18.64 -13.93
C ALA C 48 -0.36 -18.16 -14.02
N GLU C 49 -0.61 -17.12 -14.82
CA GLU C 49 -1.97 -16.57 -14.95
C GLU C 49 -2.87 -17.51 -15.72
N ALA C 50 -2.35 -18.13 -16.79
CA ALA C 50 -3.19 -18.94 -17.66
C ALA C 50 -3.75 -20.18 -16.97
N CYS C 51 -2.94 -20.93 -16.23
CA CYS C 51 -3.34 -22.23 -15.70
C CYS C 51 -3.33 -22.23 -14.17
N PRO C 52 -4.50 -22.36 -13.54
CA PRO C 52 -4.55 -22.50 -12.09
C PRO C 52 -4.06 -23.86 -11.64
N THR C 53 -3.70 -23.94 -10.35
CA THR C 53 -3.24 -25.17 -9.73
C THR C 53 -3.88 -25.32 -8.36
N PHE C 54 -3.95 -26.57 -7.89
CA PHE C 54 -4.73 -26.91 -6.71
C PHE C 54 -4.08 -26.40 -5.43
N LEU C 55 -4.91 -26.23 -4.40
CA LEU C 55 -4.47 -25.96 -3.04
C LEU C 55 -4.39 -27.26 -2.25
N CYS C 56 -3.57 -27.24 -1.20
CA CYS C 56 -3.35 -28.42 -0.36
C CYS C 56 -3.99 -28.16 1.00
N PHE C 57 -5.18 -28.72 1.21
CA PHE C 57 -5.87 -28.60 2.48
C PHE C 57 -5.24 -29.57 3.48
N ASP C 58 -5.84 -29.67 4.67
CA ASP C 58 -5.26 -30.49 5.72
C ASP C 58 -5.29 -31.97 5.33
N ASP C 59 -4.34 -32.72 5.88
CA ASP C 59 -4.19 -34.17 5.68
C ASP C 59 -3.64 -34.45 4.29
N GLY C 60 -3.48 -33.40 3.47
CA GLY C 60 -2.91 -33.55 2.15
C GLY C 60 -3.91 -33.91 1.08
N LYS C 61 -4.97 -33.12 0.95
CA LYS C 61 -5.99 -33.32 -0.06
C LYS C 61 -6.35 -31.98 -0.70
N PRO C 62 -6.70 -31.96 -1.98
CA PRO C 62 -7.08 -30.71 -2.63
C PRO C 62 -8.57 -30.37 -2.65
N TYR C 63 -9.37 -30.92 -1.75
CA TYR C 63 -10.76 -30.54 -1.60
C TYR C 63 -11.10 -30.41 -0.13
N VAL C 64 -12.10 -29.61 0.17
CA VAL C 64 -12.63 -29.45 1.53
C VAL C 64 -13.96 -30.17 1.60
N VAL C 65 -14.13 -30.98 2.64
CA VAL C 65 -15.32 -31.82 2.79
C VAL C 65 -16.30 -31.13 3.72
N THR C 66 -17.58 -31.25 3.39
CA THR C 66 -18.63 -30.63 4.20
C THR C 66 -18.67 -31.25 5.59
N ARG C 67 -18.84 -30.41 6.61
CA ARG C 67 -18.77 -30.82 8.00
C ARG C 67 -20.16 -30.81 8.63
N GLU C 68 -20.48 -31.88 9.36
CA GLU C 68 -21.76 -32.00 10.05
C GLU C 68 -21.61 -31.66 11.54
N ASP C 69 -21.18 -30.43 11.81
CA ASP C 69 -21.03 -29.95 13.18
C ASP C 69 -21.40 -28.47 13.24
N GLU C 70 -21.56 -27.98 14.47
CA GLU C 70 -22.07 -26.63 14.70
C GLU C 70 -21.16 -25.54 14.13
N GLN C 71 -19.86 -25.78 14.05
CA GLN C 71 -18.95 -24.80 13.46
C GLN C 71 -19.22 -24.67 11.96
N ARG C 72 -19.90 -23.60 11.58
CA ARG C 72 -20.17 -23.30 10.18
C ARG C 72 -18.92 -22.96 9.39
N LEU C 73 -17.81 -22.74 10.09
CA LEU C 73 -16.51 -22.48 9.47
C LEU C 73 -16.04 -23.75 8.79
N LEU C 74 -16.11 -23.79 7.47
CA LEU C 74 -15.54 -24.91 6.74
C LEU C 74 -14.04 -24.99 6.97
N ALA C 75 -13.33 -23.87 6.79
CA ALA C 75 -11.91 -23.75 7.09
C ALA C 75 -11.47 -22.32 6.88
N LYS C 76 -10.27 -22.02 7.36
CA LYS C 76 -9.56 -20.81 6.96
C LYS C 76 -8.16 -21.19 6.53
N PHE C 77 -7.58 -20.35 5.67
CA PHE C 77 -6.20 -20.55 5.22
C PHE C 77 -5.60 -19.19 4.93
N ASP C 78 -4.31 -19.06 5.26
CA ASP C 78 -3.64 -17.78 5.10
C ASP C 78 -3.48 -17.44 3.63
N VAL C 79 -3.60 -16.16 3.31
CA VAL C 79 -3.28 -15.66 1.96
C VAL C 79 -1.87 -15.10 2.04
N SER C 80 -0.90 -15.97 1.74
CA SER C 80 0.49 -15.58 1.65
C SER C 80 1.19 -16.63 0.81
N LEU C 81 2.08 -16.19 -0.07
CA LEU C 81 2.76 -17.12 -0.96
C LEU C 81 3.68 -18.06 -0.20
N ALA C 82 3.97 -17.79 1.07
CA ALA C 82 4.75 -18.68 1.92
C ALA C 82 3.90 -19.41 2.94
N ALA C 83 2.59 -19.48 2.74
CA ALA C 83 1.71 -20.14 3.68
C ALA C 83 1.79 -21.66 3.53
N LYS C 84 1.12 -22.36 4.45
CA LYS C 84 1.14 -23.81 4.42
C LYS C 84 0.22 -24.36 3.33
N HIS C 85 -0.91 -23.70 3.08
CA HIS C 85 -1.86 -24.19 2.10
C HIS C 85 -1.39 -23.97 0.66
N MET C 86 -0.68 -22.89 0.39
CA MET C 86 -0.16 -22.60 -0.94
C MET C 86 1.19 -23.25 -1.18
N SER C 87 1.54 -24.30 -0.44
CA SER C 87 2.87 -24.88 -0.52
C SER C 87 3.09 -25.62 -1.84
N ASN C 88 2.04 -26.23 -2.40
CA ASN C 88 2.15 -27.07 -3.58
C ASN C 88 1.64 -26.37 -4.83
N THR C 89 1.89 -25.06 -4.94
CA THR C 89 1.33 -24.24 -6.00
C THR C 89 2.45 -23.73 -6.92
N TYR C 90 2.12 -23.58 -8.19
CA TYR C 90 3.08 -23.02 -9.15
C TYR C 90 3.38 -21.56 -8.84
N LEU C 91 2.39 -20.80 -8.39
CA LEU C 91 2.61 -19.39 -8.07
C LEU C 91 3.61 -19.23 -6.93
N SER C 92 3.49 -20.04 -5.88
CA SER C 92 4.47 -20.00 -4.81
C SER C 92 5.84 -20.44 -5.30
N GLY C 93 5.90 -21.42 -6.19
CA GLY C 93 7.16 -21.85 -6.75
C GLY C 93 7.88 -20.76 -7.50
N ILE C 94 7.15 -19.98 -8.30
CA ILE C 94 7.76 -18.81 -8.93
C ILE C 94 8.15 -17.78 -7.88
N ALA C 95 7.27 -17.49 -6.93
CA ALA C 95 7.47 -16.40 -6.00
C ALA C 95 8.63 -16.63 -5.04
N GLN C 96 9.05 -17.87 -4.82
CA GLN C 96 10.15 -18.10 -3.88
C GLN C 96 11.47 -17.50 -4.36
N TYR C 97 11.59 -17.12 -5.62
CA TYR C 97 12.83 -16.59 -6.15
C TYR C 97 12.85 -15.07 -6.25
N TYR C 98 11.85 -14.39 -5.69
CA TYR C 98 11.76 -12.93 -5.78
C TYR C 98 11.51 -12.36 -4.39
N ALA C 99 11.81 -11.06 -4.25
CA ALA C 99 11.77 -10.41 -2.94
C ALA C 99 10.49 -9.61 -2.70
N GLN C 100 9.91 -8.98 -3.73
CA GLN C 100 8.74 -8.14 -3.54
C GLN C 100 7.72 -8.43 -4.64
N TYR C 101 6.45 -8.19 -4.30
CA TYR C 101 5.34 -8.47 -5.20
C TYR C 101 4.24 -7.43 -4.98
N SER C 102 3.33 -7.35 -5.95
CA SER C 102 2.19 -6.45 -5.85
C SER C 102 1.17 -6.81 -6.93
N GLY C 103 -0.08 -6.99 -6.52
CA GLY C 103 -1.17 -7.21 -7.45
C GLY C 103 -2.26 -8.06 -6.85
N THR C 104 -3.18 -8.46 -7.73
CA THR C 104 -4.35 -9.24 -7.34
C THR C 104 -4.07 -10.74 -7.45
N ILE C 105 -4.80 -11.52 -6.66
CA ILE C 105 -4.71 -12.97 -6.69
C ILE C 105 -6.13 -13.53 -6.77
N ASN C 106 -6.34 -14.46 -7.70
CA ASN C 106 -7.67 -15.01 -7.97
C ASN C 106 -7.85 -16.36 -7.27
N LEU C 107 -9.09 -16.66 -6.91
CA LEU C 107 -9.46 -17.91 -6.27
C LEU C 107 -10.55 -18.59 -7.07
N HIS C 108 -10.40 -19.88 -7.32
CA HIS C 108 -11.36 -20.66 -8.10
C HIS C 108 -12.01 -21.72 -7.23
N PHE C 109 -13.33 -21.73 -7.20
CA PHE C 109 -14.12 -22.73 -6.48
C PHE C 109 -14.89 -23.56 -7.49
N MET C 110 -14.82 -24.89 -7.36
CA MET C 110 -15.49 -25.79 -8.28
C MET C 110 -16.19 -26.89 -7.51
N PHE C 111 -17.48 -27.08 -7.80
CA PHE C 111 -18.32 -28.03 -7.09
C PHE C 111 -18.31 -29.39 -7.79
N THR C 112 -17.61 -30.34 -7.20
CA THR C 112 -17.59 -31.72 -7.70
C THR C 112 -18.61 -32.56 -6.94
N GLY C 113 -19.50 -31.92 -6.20
CA GLY C 113 -20.54 -32.60 -5.47
C GLY C 113 -21.62 -33.12 -6.41
N SER C 114 -22.48 -33.98 -5.86
CA SER C 114 -23.53 -34.59 -6.65
C SER C 114 -24.56 -33.54 -7.09
N THR C 115 -25.25 -33.86 -8.17
CA THR C 115 -26.24 -32.92 -8.71
C THR C 115 -27.44 -32.80 -7.77
N ASP C 116 -27.83 -33.88 -7.11
CA ASP C 116 -29.01 -33.91 -6.26
C ASP C 116 -28.81 -33.21 -4.92
N SER C 117 -27.64 -32.63 -4.69
CA SER C 117 -27.34 -31.91 -3.45
C SER C 117 -27.15 -30.44 -3.76
N LYS C 118 -27.92 -29.59 -3.08
CA LYS C 118 -27.84 -28.14 -3.25
C LYS C 118 -27.44 -27.50 -1.93
N ALA C 119 -26.74 -26.38 -2.02
CA ALA C 119 -26.21 -25.74 -0.81
C ALA C 119 -25.97 -24.27 -1.09
N ARG C 120 -25.66 -23.53 -0.01
CA ARG C 120 -25.34 -22.12 -0.06
C ARG C 120 -24.06 -21.86 0.74
N TYR C 121 -23.17 -21.05 0.18
CA TYR C 121 -21.90 -20.73 0.81
C TYR C 121 -21.58 -19.25 0.64
N MET C 122 -20.56 -18.81 1.36
CA MET C 122 -20.00 -17.47 1.21
C MET C 122 -18.51 -17.52 1.50
N VAL C 123 -17.78 -16.55 0.96
CA VAL C 123 -16.35 -16.41 1.17
C VAL C 123 -16.08 -15.00 1.69
N ALA C 124 -15.11 -14.87 2.59
CA ALA C 124 -14.79 -13.60 3.21
C ALA C 124 -13.28 -13.44 3.32
N TYR C 125 -12.77 -12.32 2.81
CA TYR C 125 -11.37 -11.96 2.96
C TYR C 125 -11.23 -10.90 4.05
N VAL C 126 -10.21 -11.03 4.89
CA VAL C 126 -9.96 -10.10 5.97
C VAL C 126 -8.54 -9.56 5.84
N PRO C 127 -8.38 -8.26 5.53
CA PRO C 127 -7.05 -7.68 5.48
C PRO C 127 -6.44 -7.60 6.88
N PRO C 128 -5.17 -7.20 7.00
CA PRO C 128 -4.55 -7.18 8.33
C PRO C 128 -5.10 -6.10 9.23
N GLY C 129 -6.31 -6.32 9.75
CA GLY C 129 -6.96 -5.35 10.60
C GLY C 129 -7.15 -5.81 12.03
N VAL C 130 -8.39 -6.18 12.38
CA VAL C 130 -8.74 -6.58 13.74
C VAL C 130 -7.90 -7.78 14.16
N GLU C 131 -7.70 -7.92 15.47
CA GLU C 131 -6.83 -8.93 16.04
C GLU C 131 -7.33 -10.36 15.81
N THR C 132 -8.62 -10.55 15.59
CA THR C 132 -9.17 -11.89 15.41
C THR C 132 -10.04 -11.95 14.17
N PRO C 133 -9.83 -12.93 13.30
CA PRO C 133 -10.72 -13.10 12.13
C PRO C 133 -12.14 -13.34 12.57
N PRO C 134 -13.12 -12.84 11.81
CA PRO C 134 -14.53 -13.04 12.19
C PRO C 134 -14.99 -14.46 12.00
N ASP C 135 -14.70 -15.33 12.98
CA ASP C 135 -15.11 -16.73 12.94
C ASP C 135 -16.62 -16.87 12.78
N THR C 136 -17.37 -15.89 13.29
CA THR C 136 -18.81 -15.85 13.13
C THR C 136 -19.15 -15.69 11.64
N PRO C 137 -20.06 -16.51 11.11
CA PRO C 137 -20.42 -16.38 9.68
C PRO C 137 -21.15 -15.08 9.38
N GLU C 138 -21.65 -14.41 10.41
CA GLU C 138 -22.34 -13.14 10.25
C GLU C 138 -21.41 -11.94 10.44
N ARG C 139 -20.40 -12.08 11.30
CA ARG C 139 -19.44 -11.01 11.53
C ARG C 139 -18.59 -10.75 10.30
N ALA C 140 -18.38 -11.78 9.48
CA ALA C 140 -17.58 -11.66 8.28
C ALA C 140 -18.31 -10.96 7.14
N ALA C 141 -19.62 -10.74 7.27
CA ALA C 141 -20.35 -9.98 6.27
C ALA C 141 -19.90 -8.52 6.19
N HIS C 142 -19.39 -7.97 7.29
CA HIS C 142 -18.88 -6.61 7.29
C HIS C 142 -17.56 -6.49 6.54
N CYS C 143 -16.90 -7.60 6.23
CA CYS C 143 -15.68 -7.60 5.43
C CYS C 143 -16.06 -7.52 3.96
N ILE C 144 -15.06 -7.59 3.09
CA ILE C 144 -15.31 -7.64 1.66
C ILE C 144 -15.57 -9.09 1.27
N HIS C 145 -16.83 -9.42 1.05
CA HIS C 145 -17.25 -10.82 0.97
C HIS C 145 -18.18 -11.00 -0.22
N ALA C 146 -18.44 -12.27 -0.54
CA ALA C 146 -19.26 -12.63 -1.69
C ALA C 146 -20.14 -13.81 -1.32
N GLU C 147 -21.18 -14.02 -2.13
CA GLU C 147 -22.14 -15.09 -1.92
C GLU C 147 -22.40 -15.82 -3.22
N TRP C 148 -22.32 -17.15 -3.18
CA TRP C 148 -22.53 -17.95 -4.39
C TRP C 148 -23.33 -19.19 -4.03
N ASP C 149 -24.26 -19.56 -4.91
CA ASP C 149 -25.09 -20.73 -4.71
C ASP C 149 -24.90 -21.70 -5.88
N THR C 150 -24.84 -22.99 -5.58
CA THR C 150 -24.62 -24.00 -6.61
C THR C 150 -25.93 -24.34 -7.30
N GLY C 151 -26.60 -23.35 -7.87
CA GLY C 151 -27.85 -23.57 -8.57
C GLY C 151 -27.87 -22.96 -9.94
N LEU C 152 -26.87 -22.14 -10.24
CA LEU C 152 -26.72 -21.55 -11.56
C LEU C 152 -25.39 -21.89 -12.21
N ASN C 153 -24.42 -22.38 -11.45
CA ASN C 153 -23.13 -22.81 -11.97
C ASN C 153 -22.45 -23.64 -10.88
N SER C 154 -21.48 -24.44 -11.30
CA SER C 154 -20.66 -25.23 -10.39
C SER C 154 -19.27 -24.63 -10.29
N LYS C 155 -19.08 -23.48 -10.91
CA LYS C 155 -17.82 -22.76 -10.88
C LYS C 155 -18.06 -21.34 -10.43
N PHE C 156 -17.20 -20.85 -9.54
CA PHE C 156 -17.33 -19.51 -8.99
C PHE C 156 -15.95 -18.96 -8.65
N THR C 157 -15.61 -17.79 -9.19
CA THR C 157 -14.27 -17.23 -9.07
C THR C 157 -14.32 -15.98 -8.22
N PHE C 158 -13.42 -15.90 -7.24
CA PHE C 158 -13.35 -14.80 -6.28
C PHE C 158 -11.96 -14.18 -6.33
N SER C 159 -11.91 -12.86 -6.41
CA SER C 159 -10.66 -12.12 -6.52
C SER C 159 -10.26 -11.59 -5.15
N ILE C 160 -8.98 -11.71 -4.82
CA ILE C 160 -8.46 -11.26 -3.53
C ILE C 160 -7.79 -9.91 -3.71
N PRO C 161 -8.32 -8.85 -3.11
CA PRO C 161 -7.74 -7.52 -3.32
C PRO C 161 -6.39 -7.36 -2.64
N TYR C 162 -5.60 -6.41 -3.16
CA TYR C 162 -4.29 -6.10 -2.60
C TYR C 162 -4.42 -4.90 -1.68
N VAL C 163 -4.29 -5.14 -0.38
CA VAL C 163 -4.38 -4.09 0.63
C VAL C 163 -3.16 -4.18 1.53
N SER C 164 -2.39 -3.10 1.58
CA SER C 164 -1.19 -3.03 2.41
C SER C 164 -0.82 -1.57 2.59
N ALA C 165 0.24 -1.33 3.35
CA ALA C 165 0.70 0.03 3.57
C ALA C 165 1.52 0.55 2.39
N ALA C 166 2.63 -0.10 2.08
CA ALA C 166 3.54 0.38 1.07
C ALA C 166 3.06 0.00 -0.33
N ASP C 167 3.86 0.36 -1.32
CA ASP C 167 3.52 0.03 -2.71
C ASP C 167 3.75 -1.45 -3.01
N TYR C 168 4.85 -2.02 -2.54
CA TYR C 168 5.19 -3.42 -2.77
C TYR C 168 5.27 -4.14 -1.43
N ALA C 169 4.87 -5.40 -1.44
CA ALA C 169 4.83 -6.19 -0.22
C ALA C 169 5.86 -7.31 -0.31
N TYR C 170 6.36 -7.74 0.84
CA TYR C 170 7.33 -8.82 0.88
C TYR C 170 6.68 -10.14 0.48
N THR C 171 7.51 -11.05 -0.03
CA THR C 171 7.09 -12.35 -0.53
C THR C 171 7.67 -13.45 0.36
N ALA C 172 8.53 -13.05 1.28
CA ALA C 172 9.37 -13.97 2.03
C ALA C 172 9.15 -13.80 3.53
N SER C 173 7.89 -13.88 3.96
CA SER C 173 7.42 -13.47 5.28
C SER C 173 8.45 -13.69 6.38
N ASP C 174 8.72 -12.64 7.15
CA ASP C 174 9.87 -12.56 8.03
C ASP C 174 9.67 -13.40 9.28
N VAL C 175 10.80 -13.74 9.92
CA VAL C 175 10.75 -14.43 11.20
C VAL C 175 10.03 -13.59 12.25
N ALA C 176 10.33 -12.29 12.26
CA ALA C 176 9.64 -11.35 13.13
C ALA C 176 8.27 -11.01 12.56
N GLU C 177 7.63 -9.96 13.10
CA GLU C 177 6.30 -9.55 12.66
C GLU C 177 5.29 -10.67 12.85
N THR C 178 5.00 -11.01 14.11
CA THR C 178 4.06 -12.08 14.43
C THR C 178 2.64 -11.58 14.22
N THR C 179 1.64 -12.32 14.71
CA THR C 179 0.22 -12.00 14.53
C THR C 179 -0.09 -12.21 13.04
N ASN C 180 -1.37 -12.18 12.63
CA ASN C 180 -1.74 -12.48 11.26
C ASN C 180 -0.96 -11.57 10.32
N VAL C 181 -0.15 -12.18 9.44
CA VAL C 181 0.80 -11.42 8.64
C VAL C 181 0.10 -10.35 7.81
N GLN C 182 -0.65 -10.76 6.79
CA GLN C 182 -1.58 -9.81 6.17
C GLN C 182 -3.00 -10.35 6.08
N GLY C 183 -3.20 -11.47 5.40
CA GLY C 183 -4.56 -11.82 5.02
C GLY C 183 -4.97 -13.27 5.16
N TRP C 184 -6.24 -13.48 5.54
CA TRP C 184 -6.81 -14.81 5.66
C TRP C 184 -8.14 -14.87 4.92
N VAL C 185 -8.46 -16.05 4.40
CA VAL C 185 -9.76 -16.31 3.78
C VAL C 185 -10.41 -17.46 4.51
N CYS C 186 -11.67 -17.28 4.87
CA CYS C 186 -12.48 -18.30 5.52
C CYS C 186 -13.79 -18.46 4.77
N ILE C 187 -14.25 -19.70 4.64
CA ILE C 187 -15.39 -20.04 3.81
C ILE C 187 -16.48 -20.62 4.71
N TYR C 188 -17.69 -20.08 4.59
CA TYR C 188 -18.81 -20.45 5.43
C TYR C 188 -19.85 -21.21 4.61
N GLN C 189 -20.60 -22.07 5.29
CA GLN C 189 -21.64 -22.89 4.67
C GLN C 189 -22.98 -22.39 5.20
N ILE C 190 -23.67 -21.58 4.40
CA ILE C 190 -24.95 -21.02 4.84
C ILE C 190 -25.97 -22.14 5.06
N THR C 191 -26.05 -23.07 4.12
CA THR C 191 -26.93 -24.23 4.27
C THR C 191 -26.40 -25.33 3.37
N HIS C 192 -26.89 -26.55 3.59
CA HIS C 192 -26.49 -27.70 2.80
C HIS C 192 -27.60 -28.73 2.81
N GLY C 193 -27.86 -29.32 1.65
CA GLY C 193 -28.88 -30.36 1.54
C GLY C 193 -28.30 -31.70 1.15
N LYS C 194 -28.30 -32.64 2.09
CA LYS C 194 -27.77 -34.00 1.87
C LYS C 194 -26.32 -33.95 1.39
N ALA C 195 -25.54 -33.04 1.98
CA ALA C 195 -24.13 -32.85 1.63
C ALA C 195 -23.30 -33.22 2.85
N GLN C 196 -23.00 -34.51 2.99
CA GLN C 196 -22.17 -35.00 4.10
C GLN C 196 -20.77 -35.32 3.65
N ASN C 197 -20.61 -35.87 2.45
CA ASN C 197 -19.31 -36.12 1.86
C ASN C 197 -19.14 -35.43 0.51
N ASP C 198 -20.02 -34.48 0.20
CA ASP C 198 -19.89 -33.69 -1.02
C ASP C 198 -18.62 -32.85 -0.95
N THR C 199 -17.95 -32.71 -2.08
CA THR C 199 -16.61 -32.17 -2.15
C THR C 199 -16.61 -30.76 -2.72
N LEU C 200 -15.47 -30.09 -2.56
CA LEU C 200 -15.31 -28.72 -3.02
C LEU C 200 -13.82 -28.45 -3.20
N VAL C 201 -13.38 -28.30 -4.44
CA VAL C 201 -11.96 -28.19 -4.77
C VAL C 201 -11.63 -26.73 -5.09
N VAL C 202 -10.54 -26.24 -4.49
CA VAL C 202 -10.16 -24.83 -4.59
C VAL C 202 -8.79 -24.75 -5.24
N SER C 203 -8.64 -23.84 -6.20
CA SER C 203 -7.39 -23.62 -6.91
C SER C 203 -7.12 -22.12 -7.01
N VAL C 204 -5.84 -21.76 -7.13
CA VAL C 204 -5.41 -20.37 -7.07
C VAL C 204 -4.48 -20.07 -8.25
N SER C 205 -4.69 -18.93 -8.89
CA SER C 205 -3.85 -18.47 -9.99
C SER C 205 -3.55 -17.00 -9.81
N ALA C 206 -2.64 -16.49 -10.65
CA ALA C 206 -2.26 -15.09 -10.59
C ALA C 206 -3.36 -14.20 -11.15
N GLY C 207 -3.37 -12.94 -10.69
CA GLY C 207 -4.33 -11.99 -11.17
C GLY C 207 -3.90 -11.36 -12.48
N LYS C 208 -4.77 -10.47 -12.99
CA LYS C 208 -4.48 -9.79 -14.25
C LYS C 208 -3.35 -8.77 -14.11
N ASP C 209 -3.12 -8.23 -12.91
CA ASP C 209 -2.11 -7.21 -12.70
C ASP C 209 -1.06 -7.62 -11.67
N PHE C 210 -0.85 -8.92 -11.49
CA PHE C 210 0.20 -9.40 -10.60
C PHE C 210 1.56 -9.03 -11.18
N GLU C 211 2.57 -8.96 -10.30
CA GLU C 211 3.91 -8.58 -10.72
C GLU C 211 4.92 -8.95 -9.65
N LEU C 212 6.06 -9.51 -10.06
CA LEU C 212 7.17 -9.80 -9.18
C LEU C 212 8.38 -8.97 -9.62
N ARG C 213 9.22 -8.58 -8.67
CA ARG C 213 10.13 -7.46 -8.87
C ARG C 213 11.60 -7.82 -8.86
N LEU C 214 12.13 -8.40 -7.78
CA LEU C 214 13.57 -8.47 -7.58
C LEU C 214 14.08 -9.90 -7.56
N PRO C 215 14.81 -10.35 -8.59
CA PRO C 215 15.26 -11.74 -8.62
C PRO C 215 16.42 -11.98 -7.66
N ILE C 216 16.27 -13.00 -6.83
CA ILE C 216 17.31 -13.44 -5.90
C ILE C 216 17.42 -14.95 -5.97
N ASP C 217 18.43 -15.49 -5.30
CA ASP C 217 18.71 -16.93 -5.26
C ASP C 217 18.80 -17.30 -3.79
N PRO C 218 17.67 -17.60 -3.15
CA PRO C 218 17.64 -17.67 -1.68
C PRO C 218 17.95 -19.04 -1.10
N ARG C 219 17.83 -20.09 -1.90
CA ARG C 219 17.91 -21.44 -1.36
C ARG C 219 19.33 -21.75 -0.87
N THR C 220 19.43 -22.84 -0.11
CA THR C 220 20.72 -23.27 0.42
C THR C 220 21.43 -24.16 -0.58
N GLN C 221 22.58 -23.71 -1.07
CA GLN C 221 23.34 -24.47 -2.06
C GLN C 221 24.76 -24.75 -1.56
N GLN D 1 -17.23 6.08 -6.88
CA GLN D 1 -18.50 5.40 -6.61
C GLN D 1 -18.93 4.55 -7.80
N VAL D 2 -19.17 3.26 -7.55
CA VAL D 2 -19.59 2.36 -8.62
C VAL D 2 -20.99 2.74 -9.07
N GLN D 3 -21.09 3.28 -10.28
CA GLN D 3 -22.35 3.79 -10.81
C GLN D 3 -22.75 3.03 -12.06
N LEU D 4 -24.01 2.62 -12.13
CA LEU D 4 -24.55 1.87 -13.25
C LEU D 4 -25.59 2.70 -13.97
N GLN D 5 -25.46 2.81 -15.29
CA GLN D 5 -26.39 3.57 -16.11
C GLN D 5 -27.00 2.64 -17.15
N GLN D 6 -28.32 2.54 -17.14
CA GLN D 6 -29.04 1.67 -18.07
C GLN D 6 -29.56 2.46 -19.26
N SER D 7 -29.64 1.77 -20.40
CA SER D 7 -30.15 2.37 -21.63
C SER D 7 -30.59 1.25 -22.56
N GLY D 8 -31.39 1.63 -23.57
CA GLY D 8 -31.85 0.70 -24.57
C GLY D 8 -33.27 0.21 -24.41
N GLY D 9 -33.99 0.69 -23.40
CA GLY D 9 -35.37 0.27 -23.20
C GLY D 9 -36.35 0.94 -24.14
N GLY D 10 -37.60 0.53 -24.10
CA GLY D 10 -38.63 1.12 -24.94
C GLY D 10 -39.73 0.12 -25.22
N LEU D 11 -40.58 0.49 -26.18
CA LEU D 11 -41.70 -0.34 -26.60
C LEU D 11 -41.30 -1.15 -27.82
N VAL D 12 -41.71 -2.41 -27.86
CA VAL D 12 -41.33 -3.34 -28.92
C VAL D 12 -42.39 -4.43 -29.03
N GLN D 13 -42.61 -4.91 -30.25
CA GLN D 13 -43.61 -5.93 -30.52
C GLN D 13 -43.17 -7.28 -29.97
N ALA D 14 -44.16 -8.11 -29.66
CA ALA D 14 -43.88 -9.47 -29.21
C ALA D 14 -43.26 -10.29 -30.33
N GLY D 15 -42.27 -11.10 -29.98
CA GLY D 15 -41.53 -11.88 -30.96
C GLY D 15 -40.33 -11.16 -31.55
N GLY D 16 -40.14 -9.88 -31.25
CA GLY D 16 -39.03 -9.13 -31.76
C GLY D 16 -37.79 -9.28 -30.90
N SER D 17 -36.86 -8.36 -31.11
CA SER D 17 -35.59 -8.35 -30.38
C SER D 17 -35.30 -6.94 -29.87
N LEU D 18 -34.63 -6.87 -28.73
CA LEU D 18 -34.21 -5.61 -28.14
C LEU D 18 -32.91 -5.83 -27.37
N ARG D 19 -32.09 -4.78 -27.32
CA ARG D 19 -30.79 -4.84 -26.65
C ARG D 19 -30.74 -3.74 -25.59
N LEU D 20 -30.35 -4.12 -24.38
CA LEU D 20 -30.17 -3.18 -23.28
C LEU D 20 -28.68 -3.00 -22.98
N SER D 21 -28.32 -1.81 -22.52
CA SER D 21 -26.93 -1.48 -22.24
C SER D 21 -26.79 -1.02 -20.79
N CYS D 22 -25.69 -1.43 -20.16
CA CYS D 22 -25.38 -1.03 -18.79
C CYS D 22 -23.99 -0.43 -18.77
N ALA D 23 -23.92 0.91 -18.75
CA ALA D 23 -22.65 1.62 -18.69
C ALA D 23 -22.21 1.75 -17.24
N ALA D 24 -21.02 1.27 -16.94
CA ALA D 24 -20.50 1.23 -15.59
C ALA D 24 -19.23 2.05 -15.49
N SER D 25 -19.10 2.83 -14.41
CA SER D 25 -17.90 3.59 -14.12
C SER D 25 -17.34 3.15 -12.77
N GLY D 26 -16.02 3.04 -12.70
CA GLY D 26 -15.37 2.64 -11.46
C GLY D 26 -14.14 1.80 -11.63
N ARG D 27 -13.38 1.63 -10.55
CA ARG D 27 -12.14 0.86 -10.55
C ARG D 27 -12.36 -0.62 -10.29
N ALA D 28 -13.60 -1.04 -10.03
CA ALA D 28 -13.90 -2.43 -9.67
C ALA D 28 -14.82 -3.11 -10.68
N PHE D 29 -14.88 -2.62 -11.91
CA PHE D 29 -15.70 -3.28 -12.92
C PHE D 29 -15.17 -4.65 -13.28
N GLY D 30 -13.86 -4.85 -13.21
CA GLY D 30 -13.23 -6.09 -13.59
C GLY D 30 -13.20 -7.18 -12.55
N TYR D 31 -13.74 -6.93 -11.35
CA TYR D 31 -13.80 -7.96 -10.32
C TYR D 31 -15.23 -8.31 -9.92
N TYR D 32 -16.22 -7.66 -10.52
CA TYR D 32 -17.60 -7.79 -10.09
C TYR D 32 -18.40 -8.63 -11.07
N TYR D 33 -19.10 -9.63 -10.54
CA TYR D 33 -20.14 -10.31 -11.30
C TYR D 33 -21.23 -9.31 -11.67
N MET D 34 -21.66 -9.34 -12.92
CA MET D 34 -22.70 -8.45 -13.39
C MET D 34 -23.85 -9.25 -13.98
N GLY D 35 -25.06 -8.96 -13.50
CA GLY D 35 -26.25 -9.61 -14.00
C GLY D 35 -27.39 -8.60 -14.07
N TRP D 36 -28.52 -9.09 -14.57
CA TRP D 36 -29.72 -8.28 -14.73
C TRP D 36 -30.84 -8.81 -13.85
N PHE D 37 -31.71 -7.91 -13.42
CA PHE D 37 -32.91 -8.27 -12.66
C PHE D 37 -34.11 -7.58 -13.26
N ARG D 38 -35.23 -8.30 -13.29
CA ARG D 38 -36.48 -7.80 -13.86
C ARG D 38 -37.54 -7.73 -12.78
N GLN D 39 -38.25 -6.59 -12.74
CA GLN D 39 -39.26 -6.32 -11.72
C GLN D 39 -40.60 -6.12 -12.42
N ALA D 40 -41.43 -7.17 -12.44
CA ALA D 40 -42.75 -7.08 -13.03
C ALA D 40 -43.64 -6.18 -12.17
N PRO D 41 -44.61 -5.49 -12.80
CA PRO D 41 -45.52 -4.64 -12.04
C PRO D 41 -46.27 -5.41 -10.96
N GLY D 42 -46.11 -4.98 -9.71
CA GLY D 42 -46.67 -5.70 -8.58
C GLY D 42 -45.88 -6.89 -8.11
N LYS D 43 -44.70 -7.12 -8.69
CA LYS D 43 -43.86 -8.27 -8.35
C LYS D 43 -42.49 -7.79 -7.88
N GLU D 44 -41.82 -8.65 -7.13
CA GLU D 44 -40.49 -8.37 -6.64
C GLU D 44 -39.46 -8.57 -7.75
N ARG D 45 -38.25 -8.04 -7.51
CA ARG D 45 -37.17 -8.19 -8.47
C ARG D 45 -36.72 -9.65 -8.54
N GLU D 46 -36.49 -10.11 -9.76
CA GLU D 46 -36.16 -11.51 -10.01
C GLU D 46 -34.94 -11.60 -10.93
N PHE D 47 -34.08 -12.57 -10.62
CA PHE D 47 -32.92 -12.81 -11.46
C PHE D 47 -33.36 -13.29 -12.84
N VAL D 48 -32.70 -12.77 -13.88
CA VAL D 48 -33.02 -13.17 -15.24
C VAL D 48 -31.76 -13.64 -15.96
N ALA D 49 -30.60 -13.10 -15.57
CA ALA D 49 -29.35 -13.43 -16.25
C ALA D 49 -28.12 -12.99 -15.46
N ALA D 50 -26.95 -13.52 -15.82
CA ALA D 50 -25.69 -13.15 -15.18
C ALA D 50 -24.50 -13.60 -16.04
N ILE D 51 -23.41 -12.85 -15.99
CA ILE D 51 -22.20 -13.16 -16.76
C ILE D 51 -21.01 -13.04 -15.82
N SER D 52 -20.04 -13.95 -15.97
CA SER D 52 -18.85 -13.93 -15.14
C SER D 52 -17.84 -12.93 -15.68
N TRP D 53 -16.75 -12.74 -14.94
CA TRP D 53 -15.75 -11.75 -15.28
C TRP D 53 -14.37 -12.35 -15.58
N TYR D 54 -14.22 -13.67 -15.46
CA TYR D 54 -12.92 -14.30 -15.64
C TYR D 54 -12.85 -15.15 -16.90
N ASP D 55 -13.74 -16.14 -17.03
CA ASP D 55 -13.77 -16.98 -18.22
C ASP D 55 -14.81 -16.46 -19.19
N GLY D 56 -15.95 -16.04 -18.65
CA GLY D 56 -17.03 -15.48 -19.43
C GLY D 56 -18.35 -16.12 -19.07
N SER D 57 -18.35 -17.45 -18.95
CA SER D 57 -19.49 -18.25 -18.53
C SER D 57 -20.84 -17.80 -19.08
N THR D 58 -21.92 -18.28 -18.48
CA THR D 58 -23.27 -17.78 -18.70
C THR D 58 -24.26 -18.51 -17.79
N SER D 59 -25.36 -17.85 -17.43
CA SER D 59 -26.39 -18.48 -16.62
C SER D 59 -27.68 -17.68 -16.78
N TYR D 60 -28.72 -18.31 -17.31
CA TYR D 60 -30.02 -17.67 -17.49
C TYR D 60 -31.05 -18.38 -16.63
N ALA D 61 -32.11 -17.66 -16.26
CA ALA D 61 -33.22 -18.27 -15.54
C ALA D 61 -33.98 -19.21 -16.46
N ASP D 62 -34.70 -20.16 -15.84
CA ASP D 62 -35.42 -21.18 -16.59
C ASP D 62 -36.50 -20.57 -17.48
N SER D 63 -37.08 -19.45 -17.05
CA SER D 63 -38.12 -18.81 -17.85
C SER D 63 -37.59 -18.18 -19.12
N VAL D 64 -36.29 -17.85 -19.17
CA VAL D 64 -35.68 -17.19 -20.32
C VAL D 64 -34.58 -18.01 -20.96
N LYS D 65 -34.37 -19.24 -20.51
CA LYS D 65 -33.30 -20.06 -21.06
C LYS D 65 -33.55 -20.38 -22.53
N GLY D 66 -32.52 -20.25 -23.36
CA GLY D 66 -32.64 -20.49 -24.78
C GLY D 66 -33.16 -19.32 -25.57
N ARG D 67 -33.48 -18.21 -24.92
CA ARG D 67 -34.03 -17.03 -25.59
C ARG D 67 -33.18 -15.78 -25.42
N PHE D 68 -32.40 -15.68 -24.33
CA PHE D 68 -31.63 -14.48 -24.05
C PHE D 68 -30.15 -14.68 -24.33
N THR D 69 -29.44 -13.55 -24.38
CA THR D 69 -27.99 -13.55 -24.54
C THR D 69 -27.42 -12.36 -23.79
N ILE D 70 -26.54 -12.62 -22.84
CA ILE D 70 -25.90 -11.56 -22.05
C ILE D 70 -24.41 -11.55 -22.36
N SER D 71 -23.88 -10.35 -22.64
CA SER D 71 -22.50 -10.19 -23.04
C SER D 71 -21.88 -9.02 -22.30
N ARG D 72 -20.56 -9.08 -22.12
CA ARG D 72 -19.81 -8.05 -21.42
C ARG D 72 -18.67 -7.58 -22.31
N ASP D 73 -18.28 -6.31 -22.13
CA ASP D 73 -17.16 -5.71 -22.86
C ASP D 73 -16.29 -5.01 -21.82
N ASN D 74 -15.18 -5.67 -21.44
CA ASN D 74 -14.31 -5.10 -20.42
C ASN D 74 -13.65 -3.82 -20.87
N ALA D 75 -13.26 -3.75 -22.16
CA ALA D 75 -12.57 -2.56 -22.65
C ALA D 75 -13.46 -1.32 -22.64
N LYS D 76 -14.76 -1.50 -22.83
CA LYS D 76 -15.70 -0.39 -22.86
C LYS D 76 -16.48 -0.23 -21.56
N ASN D 77 -16.29 -1.13 -20.60
CA ASN D 77 -16.99 -1.09 -19.31
C ASN D 77 -18.50 -1.09 -19.50
N THR D 78 -18.97 -1.90 -20.44
CA THR D 78 -20.39 -2.01 -20.77
C THR D 78 -20.82 -3.46 -20.75
N VAL D 79 -22.02 -3.69 -20.20
CA VAL D 79 -22.63 -5.01 -20.14
C VAL D 79 -23.99 -4.94 -20.83
N ASP D 80 -24.22 -5.85 -21.77
CA ASP D 80 -25.41 -5.82 -22.61
C ASP D 80 -26.24 -7.08 -22.44
N LEU D 81 -27.56 -6.91 -22.57
CA LEU D 81 -28.51 -8.02 -22.51
C LEU D 81 -29.21 -8.10 -23.86
N GLN D 82 -28.72 -8.99 -24.73
CA GLN D 82 -29.32 -9.18 -26.05
C GLN D 82 -30.57 -10.03 -25.89
N MET D 83 -31.73 -9.49 -26.28
CA MET D 83 -33.00 -10.15 -26.04
C MET D 83 -33.64 -10.51 -27.37
N ASN D 84 -34.18 -11.73 -27.44
CA ASN D 84 -34.87 -12.23 -28.62
C ASN D 84 -36.08 -13.02 -28.18
N SER D 85 -36.95 -13.37 -29.15
CA SER D 85 -38.14 -14.17 -28.90
C SER D 85 -38.97 -13.59 -27.76
N LEU D 86 -39.47 -12.37 -27.98
CA LEU D 86 -40.20 -11.65 -26.95
C LEU D 86 -41.55 -12.29 -26.66
N LYS D 87 -41.94 -12.28 -25.39
CA LYS D 87 -43.28 -12.65 -24.96
C LYS D 87 -43.82 -11.59 -24.00
N SER D 88 -45.15 -11.59 -23.84
CA SER D 88 -45.81 -10.54 -23.09
C SER D 88 -45.44 -10.55 -21.61
N GLU D 89 -45.01 -11.69 -21.08
CA GLU D 89 -44.66 -11.77 -19.67
C GLU D 89 -43.41 -10.97 -19.34
N ASP D 90 -42.67 -10.52 -20.34
CA ASP D 90 -41.41 -9.83 -20.15
C ASP D 90 -41.56 -8.33 -19.93
N THR D 91 -42.79 -7.81 -19.94
CA THR D 91 -43.00 -6.38 -19.71
C THR D 91 -42.69 -6.05 -18.25
N ALA D 92 -41.55 -5.39 -18.03
CA ALA D 92 -41.10 -5.07 -16.68
C ALA D 92 -39.94 -4.10 -16.78
N VAL D 93 -39.51 -3.62 -15.62
CA VAL D 93 -38.33 -2.76 -15.54
C VAL D 93 -37.10 -3.63 -15.29
N TYR D 94 -36.07 -3.44 -16.10
CA TYR D 94 -34.87 -4.27 -16.05
C TYR D 94 -33.77 -3.48 -15.35
N TYR D 95 -33.19 -4.08 -14.31
CA TYR D 95 -32.21 -3.41 -13.46
C TYR D 95 -30.84 -4.07 -13.62
N CYS D 96 -29.85 -3.26 -13.96
CA CYS D 96 -28.46 -3.72 -13.96
C CYS D 96 -27.89 -3.63 -12.56
N ALA D 97 -27.25 -4.72 -12.12
CA ALA D 97 -26.67 -4.78 -10.78
C ALA D 97 -25.38 -5.59 -10.81
N GLY D 98 -24.48 -5.26 -9.89
CA GLY D 98 -23.28 -6.06 -9.71
C GLY D 98 -22.75 -6.16 -8.31
N ASP D 99 -21.89 -7.16 -8.09
CA ASP D 99 -21.26 -7.47 -6.81
C ASP D 99 -20.31 -8.65 -6.99
N ARG D 100 -19.51 -8.96 -5.96
CA ARG D 100 -18.69 -10.17 -6.02
C ARG D 100 -19.52 -11.43 -5.87
N SER D 101 -20.79 -11.31 -5.52
CA SER D 101 -21.69 -12.42 -5.30
C SER D 101 -22.38 -12.85 -6.59
N LEU D 102 -22.66 -14.15 -6.69
CA LEU D 102 -23.42 -14.74 -7.80
C LEU D 102 -24.55 -15.53 -7.16
N THR D 103 -25.72 -14.92 -7.07
CA THR D 103 -26.87 -15.55 -6.45
C THR D 103 -28.16 -15.21 -7.22
N VAL D 104 -29.28 -15.73 -6.75
CA VAL D 104 -30.58 -15.49 -7.36
C VAL D 104 -31.32 -14.47 -6.50
N VAL D 105 -30.84 -14.26 -5.29
CA VAL D 105 -31.40 -13.25 -4.38
C VAL D 105 -31.01 -11.88 -4.90
N ALA D 106 -31.83 -10.87 -4.60
CA ALA D 106 -31.57 -9.52 -5.08
C ALA D 106 -31.01 -8.64 -3.96
N SER D 107 -31.29 -9.00 -2.72
CA SER D 107 -30.85 -8.22 -1.58
C SER D 107 -29.33 -8.32 -1.37
N SER D 108 -28.71 -9.33 -1.97
CA SER D 108 -27.28 -9.56 -1.79
C SER D 108 -26.41 -8.72 -2.71
N TRP D 109 -27.00 -8.01 -3.66
CA TRP D 109 -26.24 -7.19 -4.61
C TRP D 109 -26.20 -5.76 -4.11
N ARG D 110 -25.01 -5.31 -3.70
CA ARG D 110 -24.88 -4.00 -3.08
C ARG D 110 -25.22 -2.86 -4.02
N TYR D 111 -24.76 -2.93 -5.27
CA TYR D 111 -24.88 -1.83 -6.21
C TYR D 111 -26.02 -2.10 -7.20
N TRP D 112 -26.78 -1.06 -7.52
CA TRP D 112 -27.92 -1.16 -8.42
C TRP D 112 -27.91 0.00 -9.40
N GLY D 113 -28.58 -0.18 -10.54
CA GLY D 113 -28.80 0.88 -11.47
C GLY D 113 -30.17 1.52 -11.28
N GLN D 114 -30.42 2.56 -12.07
CA GLN D 114 -31.69 3.28 -12.00
C GLN D 114 -32.83 2.56 -12.70
N GLY D 115 -32.53 1.60 -13.55
CA GLY D 115 -33.55 0.82 -14.22
C GLY D 115 -34.02 1.44 -15.51
N THR D 116 -34.47 0.58 -16.43
CA THR D 116 -35.01 1.01 -17.70
C THR D 116 -36.32 0.27 -17.95
N GLN D 117 -37.26 0.95 -18.61
CA GLN D 117 -38.57 0.39 -18.86
C GLN D 117 -38.60 -0.35 -20.19
N VAL D 118 -39.00 -1.61 -20.16
CA VAL D 118 -39.19 -2.42 -21.36
C VAL D 118 -40.64 -2.87 -21.40
N THR D 119 -41.34 -2.54 -22.47
CA THR D 119 -42.74 -2.87 -22.63
C THR D 119 -42.90 -3.79 -23.83
N VAL D 120 -43.55 -4.93 -23.63
CA VAL D 120 -43.79 -5.91 -24.68
C VAL D 120 -45.23 -5.74 -25.14
N SER D 121 -45.43 -5.43 -26.42
CA SER D 121 -46.75 -5.26 -26.98
C SER D 121 -47.17 -6.52 -27.73
N SER D 122 -48.32 -7.07 -27.36
CA SER D 122 -48.84 -8.27 -27.99
C SER D 122 -49.57 -7.93 -29.29
#